data_9QAS
#
_entry.id   9QAS
#
_cell.length_a   73.18
_cell.length_b   77.6
_cell.length_c   82.461
_cell.angle_alpha   88.469
_cell.angle_beta   64.397
_cell.angle_gamma   74.767
#
_symmetry.space_group_name_H-M   'P 1'
#
loop_
_entity.id
_entity.type
_entity.pdbx_description
1 polymer 'Angiotensin-converting enzyme, soluble form'
2 branched beta-D-mannopyranose-(1-4)-2-acetamido-2-deoxy-beta-D-glucopyranose-(1-4)-[alpha-L-fucopyranose-(1-6)]2-acetamido-2-deoxy-beta-D-glucopyranose
3 branched 2-acetamido-2-deoxy-beta-D-glucopyranose-(1-4)-[alpha-L-fucopyranose-(1-6)]2-acetamido-2-deoxy-beta-D-glucopyranose
4 branched 2-acetamido-2-deoxy-beta-D-glucopyranose-(1-4)-2-acetamido-2-deoxy-beta-D-glucopyranose
5 branched alpha-L-fucopyranose-(1-6)-2-acetamido-2-deoxy-beta-D-glucopyranose
6 non-polymer 'TETRAETHYLENE GLYCOL'
7 non-polymer 'ACETATE ION'
8 non-polymer DI(HYDROXYETHYL)ETHER
9 non-polymer TRANDOLAPRILAT
10 non-polymer 1,2-ETHANEDIOL
11 non-polymer 'TRIETHYLENE GLYCOL'
12 non-polymer 'ZINC ION'
13 non-polymer 'CHLORIDE ION'
14 non-polymer 'CALCIUM ION'
15 water water
#
_entity_poly.entity_id   1
_entity_poly.type   'polypeptide(L)'
_entity_poly.pdbx_seq_one_letter_code
;LDPGLQPGQFSADEAGAQLFAQSYQSSAEQVLFQSVAASWAHDTNITAENARRQEEAALLSQEFAEAWGQKAKELYEPIW
QQFTDPQLRRIIGAVRTLGSANLPLAKRQQYNALLSQMSRIYSTAKVCLPNKTATCWSLDPDLTNILASSRSYAMLLFAW
EGWHNAAGIPLKPLYEDFTALSNEAYKQDGFTDTGAYWRSWYNSPTFEDDLEHLYQQLEPLYLNLHAFVRRALHRRYGDR
YINLRGPIPAHLLGDMWAQSWENIYDMVVPFPDKPNLDVTSTMLQQGWQATHMFRVAEEFFTSLELSPMPPEFWEGSMLE
KPADGREVVCHASAWDFYNRKDFRIKQCTRVTMDQLSTVHHEMGHIQYYLQYKDLPVSLRRGANPGFHEAIGDVLALSVS
TPEHLHKIGLLDRVTNDTESDINYLLKMALEKIAFLPFGYLVDQWRWGVFSGRTPPSRYNFDWWYLRTKYQGICPPVTRN
ETHFDAGAKFHVPNVTPYIRYFVSFVLQFQFHEALCKEAGYEGPLHQCDIYRSTKAGAKLRKVLRAGSSRPWQEVLKDMV
GLDALDAQPLLKYFQLVTQWLQEQNQQNGEVLGWPEYQWHPPLPDNYPE
;
_entity_poly.pdbx_strand_id   A,B
#
# COMPACT_ATOMS: atom_id res chain seq x y z
N LEU A 1 24.92 -27.19 -25.69
CA LEU A 1 23.71 -27.22 -26.55
C LEU A 1 24.10 -27.94 -27.84
N ASP A 2 23.29 -28.92 -28.23
CA ASP A 2 23.47 -29.66 -29.47
C ASP A 2 23.72 -28.71 -30.64
N PRO A 3 24.67 -29.02 -31.55
CA PRO A 3 24.92 -28.19 -32.74
C PRO A 3 23.70 -27.82 -33.55
N GLY A 4 22.84 -28.82 -33.81
CA GLY A 4 21.57 -28.65 -34.51
C GLY A 4 20.66 -27.60 -33.88
N LEU A 5 20.89 -27.34 -32.59
CA LEU A 5 19.99 -26.45 -31.88
C LEU A 5 20.59 -25.05 -31.78
N GLN A 6 21.83 -24.86 -32.24
CA GLN A 6 22.54 -23.62 -31.98
C GLN A 6 22.27 -22.65 -33.12
N PRO A 7 22.26 -21.32 -32.90
CA PRO A 7 22.08 -20.37 -33.98
C PRO A 7 23.28 -20.25 -34.91
N GLY A 8 22.97 -20.17 -36.20
CA GLY A 8 23.96 -19.84 -37.20
C GLY A 8 24.12 -18.33 -37.34
N GLN A 9 24.51 -17.94 -38.53
CA GLN A 9 24.71 -16.55 -38.87
C GLN A 9 23.46 -16.11 -39.63
N PHE A 10 23.16 -14.82 -39.48
CA PHE A 10 22.08 -14.12 -40.12
C PHE A 10 22.52 -12.69 -40.40
N SER A 11 21.98 -12.09 -41.45
CA SER A 11 22.24 -10.69 -41.71
C SER A 11 21.68 -9.85 -40.56
N ALA A 12 22.25 -8.66 -40.35
CA ALA A 12 21.84 -7.70 -39.35
C ALA A 12 20.78 -6.70 -39.87
N ASP A 13 19.54 -7.19 -40.07
CA ASP A 13 18.58 -6.61 -40.97
C ASP A 13 17.34 -7.51 -40.96
N GLU A 14 16.24 -7.00 -41.56
CA GLU A 14 14.93 -7.56 -41.27
C GLU A 14 14.82 -8.92 -41.98
N ALA A 15 15.54 -9.07 -43.11
CA ALA A 15 15.46 -10.29 -43.90
C ALA A 15 16.20 -11.40 -43.17
N GLY A 16 17.36 -11.10 -42.59
CA GLY A 16 18.03 -11.98 -41.64
C GLY A 16 17.12 -12.37 -40.47
N ALA A 17 16.52 -11.37 -39.82
CA ALA A 17 15.60 -11.66 -38.71
C ALA A 17 14.48 -12.68 -39.07
N GLN A 18 13.90 -12.60 -40.28
CA GLN A 18 12.90 -13.56 -40.72
C GLN A 18 13.43 -15.01 -40.80
N LEU A 19 14.62 -15.19 -41.44
CA LEU A 19 15.31 -16.49 -41.47
C LEU A 19 15.69 -16.89 -40.04
N PHE A 20 16.14 -15.93 -39.23
CA PHE A 20 16.44 -16.24 -37.83
C PHE A 20 15.24 -16.88 -37.11
N ALA A 21 14.08 -16.25 -37.30
CA ALA A 21 12.90 -16.68 -36.59
C ALA A 21 12.48 -18.08 -37.12
N GLN A 22 12.61 -18.35 -38.41
CA GLN A 22 12.30 -19.66 -38.95
C GLN A 22 13.28 -20.74 -38.45
N SER A 23 14.60 -20.46 -38.50
CA SER A 23 15.55 -21.35 -37.84
C SER A 23 15.21 -21.59 -36.35
N TYR A 24 14.93 -20.53 -35.61
CA TYR A 24 14.60 -20.62 -34.19
C TYR A 24 13.48 -21.63 -33.92
N GLN A 25 12.44 -21.52 -34.74
CA GLN A 25 11.18 -22.21 -34.61
C GLN A 25 11.40 -23.71 -34.78
N SER A 26 12.24 -24.06 -35.76
CA SER A 26 12.65 -25.43 -35.98
C SER A 26 13.16 -25.99 -34.66
N SER A 27 14.07 -25.21 -34.05
CA SER A 27 14.85 -25.77 -32.98
C SER A 27 14.08 -25.60 -31.67
N ALA A 28 13.32 -24.53 -31.55
CA ALA A 28 12.53 -24.27 -30.36
C ALA A 28 11.44 -25.33 -30.11
N GLU A 29 10.85 -25.94 -31.14
CA GLU A 29 9.75 -26.85 -30.85
C GLU A 29 10.29 -28.09 -30.12
N GLN A 30 11.52 -28.47 -30.48
CA GLN A 30 12.16 -29.64 -29.95
C GLN A 30 12.52 -29.37 -28.52
N VAL A 31 12.92 -28.11 -28.25
CA VAL A 31 13.40 -27.76 -26.92
C VAL A 31 12.19 -27.57 -25.98
N LEU A 32 11.14 -26.89 -26.46
CA LEU A 32 9.89 -26.79 -25.69
C LEU A 32 9.28 -28.16 -25.46
N PHE A 33 9.24 -29.01 -26.49
CA PHE A 33 8.71 -30.35 -26.31
C PHE A 33 9.45 -31.07 -25.18
N GLN A 34 10.82 -31.16 -25.18
CA GLN A 34 11.50 -31.99 -24.19
C GLN A 34 11.21 -31.45 -22.77
N SER A 35 11.12 -30.15 -22.65
CA SER A 35 10.85 -29.50 -21.40
C SER A 35 9.42 -29.76 -20.88
N VAL A 36 8.41 -29.62 -21.75
CA VAL A 36 7.03 -29.89 -21.39
C VAL A 36 6.87 -31.36 -21.05
N ALA A 37 7.57 -32.20 -21.80
CA ALA A 37 7.53 -33.64 -21.59
C ALA A 37 8.06 -34.01 -20.22
N ALA A 38 9.21 -33.46 -19.84
CA ALA A 38 9.77 -33.75 -18.54
C ALA A 38 8.91 -33.16 -17.43
N SER A 39 8.32 -32.01 -17.67
CA SER A 39 7.38 -31.45 -16.69
C SER A 39 6.18 -32.38 -16.45
N TRP A 40 5.65 -32.98 -17.55
CA TRP A 40 4.46 -33.84 -17.49
C TRP A 40 4.78 -35.09 -16.72
N ALA A 41 5.97 -35.63 -17.03
CA ALA A 41 6.45 -36.85 -16.46
C ALA A 41 6.57 -36.68 -14.97
N HIS A 42 7.05 -35.52 -14.54
CA HIS A 42 7.15 -35.23 -13.12
C HIS A 42 5.75 -34.99 -12.51
N ASP A 43 4.96 -34.11 -13.13
CA ASP A 43 3.69 -33.71 -12.51
C ASP A 43 2.64 -34.83 -12.43
N THR A 44 2.74 -35.90 -13.24
CA THR A 44 1.84 -37.03 -13.22
C THR A 44 2.50 -38.18 -12.48
N ASN A 45 3.67 -37.91 -11.82
CA ASN A 45 4.44 -38.94 -11.15
C ASN A 45 5.65 -38.29 -10.43
N ILE A 46 5.33 -37.70 -9.29
CA ILE A 46 6.28 -36.91 -8.55
C ILE A 46 7.25 -37.92 -7.93
N THR A 47 8.48 -37.93 -8.41
CA THR A 47 9.56 -38.72 -7.79
C THR A 47 10.81 -37.86 -7.85
N ALA A 48 11.85 -38.29 -7.11
CA ALA A 48 13.08 -37.52 -7.10
C ALA A 48 13.74 -37.65 -8.49
N GLU A 49 13.62 -38.83 -9.09
CA GLU A 49 14.21 -39.07 -10.39
C GLU A 49 13.54 -38.18 -11.43
N ASN A 50 12.21 -37.99 -11.37
CA ASN A 50 11.52 -37.21 -12.38
C ASN A 50 11.88 -35.73 -12.15
N ALA A 51 12.04 -35.31 -10.89
CA ALA A 51 12.43 -33.93 -10.63
C ALA A 51 13.84 -33.64 -11.18
N ARG A 52 14.77 -34.60 -11.05
CA ARG A 52 16.14 -34.44 -11.57
C ARG A 52 16.08 -34.21 -13.09
N ARG A 53 15.25 -35.02 -13.76
CA ARG A 53 15.05 -34.92 -15.19
C ARG A 53 14.47 -33.59 -15.61
N GLN A 54 13.53 -33.05 -14.84
CA GLN A 54 12.85 -31.83 -15.21
C GLN A 54 13.84 -30.69 -15.06
N GLU A 55 14.69 -30.78 -14.04
CA GLU A 55 15.74 -29.79 -13.80
C GLU A 55 16.72 -29.72 -14.96
N GLU A 56 17.14 -30.89 -15.47
CA GLU A 56 18.07 -30.89 -16.57
C GLU A 56 17.39 -30.33 -17.82
N ALA A 57 16.08 -30.60 -17.99
CA ALA A 57 15.39 -30.14 -19.18
C ALA A 57 15.31 -28.63 -19.15
N ALA A 58 15.01 -28.13 -17.96
CA ALA A 58 14.89 -26.70 -17.74
C ALA A 58 16.24 -26.05 -18.01
N LEU A 59 17.34 -26.69 -17.59
CA LEU A 59 18.67 -26.13 -17.87
C LEU A 59 18.95 -26.09 -19.38
N LEU A 60 18.54 -27.14 -20.11
CA LEU A 60 18.71 -27.19 -21.55
C LEU A 60 17.96 -26.01 -22.19
N SER A 61 16.73 -25.69 -21.68
CA SER A 61 15.95 -24.60 -22.22
C SER A 61 16.63 -23.26 -22.04
N GLN A 62 17.20 -23.06 -20.85
CA GLN A 62 17.96 -21.85 -20.57
C GLN A 62 19.15 -21.71 -21.51
N GLU A 63 19.82 -22.81 -21.77
CA GLU A 63 20.98 -22.76 -22.63
C GLU A 63 20.58 -22.26 -24.03
N PHE A 64 19.51 -22.87 -24.53
CA PHE A 64 18.87 -22.48 -25.79
C PHE A 64 18.48 -21.01 -25.79
N ALA A 65 17.74 -20.59 -24.77
CA ALA A 65 17.21 -19.26 -24.68
C ALA A 65 18.36 -18.31 -24.60
N GLU A 66 19.46 -18.70 -23.97
CA GLU A 66 20.62 -17.82 -23.94
C GLU A 66 21.31 -17.72 -25.30
N ALA A 67 21.55 -18.82 -26.00
CA ALA A 67 22.29 -18.66 -27.25
C ALA A 67 21.49 -17.81 -28.28
N TRP A 68 20.20 -18.10 -28.37
CA TRP A 68 19.29 -17.50 -29.37
C TRP A 68 18.93 -16.08 -28.96
N GLY A 69 18.83 -15.87 -27.62
CA GLY A 69 18.77 -14.56 -26.98
C GLY A 69 19.95 -13.66 -27.22
N GLN A 70 21.17 -14.11 -26.94
CA GLN A 70 22.33 -13.26 -27.18
C GLN A 70 22.59 -13.03 -28.64
N LYS A 71 22.20 -13.97 -29.48
CA LYS A 71 22.43 -13.78 -30.91
C LYS A 71 21.46 -12.69 -31.42
N ALA A 72 20.18 -12.78 -30.97
CA ALA A 72 19.14 -11.85 -31.39
C ALA A 72 19.49 -10.43 -30.94
N LYS A 73 20.13 -10.31 -29.79
CA LYS A 73 20.66 -9.05 -29.30
C LYS A 73 21.76 -8.59 -30.20
N GLU A 74 22.88 -9.32 -30.21
CA GLU A 74 24.04 -9.03 -31.02
C GLU A 74 23.63 -8.57 -32.42
N LEU A 75 22.64 -9.21 -33.05
CA LEU A 75 22.36 -8.92 -34.46
C LEU A 75 21.27 -7.87 -34.71
N TYR A 76 20.29 -7.78 -33.82
CA TYR A 76 19.15 -6.92 -34.04
C TYR A 76 18.82 -6.02 -32.84
N GLU A 77 19.78 -5.67 -31.96
CA GLU A 77 19.38 -5.04 -30.69
C GLU A 77 18.67 -3.72 -31.01
N PRO A 78 19.30 -2.84 -31.84
CA PRO A 78 18.75 -1.52 -32.13
C PRO A 78 17.98 -1.40 -33.45
N ILE A 79 17.18 -2.39 -33.86
CA ILE A 79 16.60 -2.33 -35.20
C ILE A 79 15.32 -3.16 -35.26
N TRP A 80 15.11 -3.98 -34.22
CA TRP A 80 13.99 -4.90 -34.24
C TRP A 80 12.69 -4.11 -34.06
N GLN A 81 12.79 -2.98 -33.33
CA GLN A 81 11.62 -2.18 -32.98
C GLN A 81 11.04 -1.51 -34.23
N GLN A 82 11.90 -1.33 -35.26
CA GLN A 82 11.61 -0.62 -36.51
C GLN A 82 11.23 -1.59 -37.64
N PHE A 83 11.10 -2.90 -37.34
CA PHE A 83 10.71 -3.89 -38.37
C PHE A 83 9.27 -3.63 -38.82
N THR A 84 9.12 -3.57 -40.11
CA THR A 84 7.85 -3.49 -40.84
C THR A 84 6.92 -4.66 -40.48
N ASP A 85 7.51 -5.83 -40.12
CA ASP A 85 6.68 -7.02 -39.98
C ASP A 85 6.26 -7.06 -38.54
N PRO A 86 4.97 -6.81 -38.19
CA PRO A 86 4.63 -6.75 -36.76
C PRO A 86 4.78 -8.08 -36.03
N GLN A 87 4.45 -9.19 -36.69
CA GLN A 87 4.55 -10.54 -36.14
C GLN A 87 6.01 -10.87 -35.83
N LEU A 88 6.87 -10.49 -36.76
CA LEU A 88 8.33 -10.58 -36.59
C LEU A 88 8.87 -9.71 -35.43
N ARG A 89 8.43 -8.44 -35.26
CA ARG A 89 8.94 -7.68 -34.13
C ARG A 89 8.51 -8.37 -32.80
N ARG A 90 7.35 -8.96 -32.76
CA ARG A 90 6.95 -9.63 -31.50
C ARG A 90 7.71 -10.95 -31.29
N ILE A 91 8.07 -11.66 -32.38
CA ILE A 91 8.84 -12.90 -32.23
C ILE A 91 10.20 -12.54 -31.66
N ILE A 92 10.83 -11.53 -32.30
CA ILE A 92 12.16 -11.09 -31.87
C ILE A 92 12.08 -10.58 -30.45
N GLY A 93 11.06 -9.79 -30.16
CA GLY A 93 10.86 -9.21 -28.83
C GLY A 93 10.85 -10.29 -27.76
N ALA A 94 10.10 -11.40 -27.92
CA ALA A 94 10.11 -12.59 -27.06
C ALA A 94 11.52 -13.23 -26.91
N VAL A 95 12.19 -13.55 -28.04
CA VAL A 95 13.44 -14.28 -28.05
C VAL A 95 14.56 -13.57 -27.28
N ARG A 96 14.66 -12.23 -27.40
CA ARG A 96 15.68 -11.50 -26.68
C ARG A 96 15.35 -11.16 -25.20
N THR A 97 14.25 -11.68 -24.65
CA THR A 97 13.97 -11.62 -23.20
C THR A 97 14.47 -12.93 -22.63
N LEU A 98 15.58 -12.87 -21.89
CA LEU A 98 16.24 -14.12 -21.51
C LEU A 98 15.65 -14.74 -20.26
N GLY A 99 15.12 -13.88 -19.40
CA GLY A 99 14.59 -14.31 -18.11
C GLY A 99 15.66 -14.98 -17.24
N SER A 100 15.29 -16.13 -16.67
CA SER A 100 16.16 -16.95 -15.82
C SER A 100 17.45 -17.35 -16.53
N ALA A 101 17.43 -17.28 -17.87
CA ALA A 101 18.66 -17.56 -18.61
C ALA A 101 19.66 -16.44 -18.49
N ASN A 102 19.31 -15.29 -17.89
CA ASN A 102 20.34 -14.28 -17.67
C ASN A 102 21.23 -14.71 -16.50
N LEU A 103 20.72 -15.61 -15.65
CA LEU A 103 21.47 -15.98 -14.45
C LEU A 103 22.71 -16.77 -14.86
N PRO A 104 23.86 -16.64 -14.20
CA PRO A 104 24.92 -17.61 -14.38
C PRO A 104 24.50 -19.02 -13.96
N LEU A 105 25.27 -20.02 -14.41
CA LEU A 105 24.87 -21.42 -14.34
C LEU A 105 24.50 -21.80 -12.90
N ALA A 106 25.35 -21.52 -11.92
CA ALA A 106 25.10 -21.85 -10.53
C ALA A 106 23.77 -21.29 -10.08
N LYS A 107 23.45 -20.07 -10.44
CA LYS A 107 22.18 -19.53 -9.99
C LYS A 107 21.02 -20.13 -10.79
N ARG A 108 21.30 -20.49 -12.05
CA ARG A 108 20.27 -21.12 -12.84
C ARG A 108 19.89 -22.44 -12.20
N GLN A 109 20.88 -23.22 -11.78
CA GLN A 109 20.58 -24.48 -11.11
C GLN A 109 19.86 -24.24 -9.79
N GLN A 110 20.27 -23.26 -8.99
CA GLN A 110 19.56 -22.89 -7.77
C GLN A 110 18.10 -22.50 -8.07
N TYR A 111 17.90 -21.71 -9.15
CA TYR A 111 16.57 -21.29 -9.51
C TYR A 111 15.67 -22.49 -9.86
N ASN A 112 16.17 -23.39 -10.71
CA ASN A 112 15.42 -24.52 -11.19
C ASN A 112 15.14 -25.48 -10.04
N ALA A 113 16.11 -25.67 -9.15
CA ALA A 113 15.87 -26.48 -7.97
C ALA A 113 14.82 -25.88 -7.06
N LEU A 114 14.81 -24.55 -6.90
CA LEU A 114 13.81 -23.92 -6.06
C LEU A 114 12.42 -24.15 -6.65
N LEU A 115 12.22 -23.99 -7.96
CA LEU A 115 10.90 -24.19 -8.53
C LEU A 115 10.42 -25.61 -8.25
N SER A 116 11.32 -26.56 -8.30
CA SER A 116 10.99 -27.96 -8.19
C SER A 116 10.67 -28.32 -6.74
N GLN A 117 11.43 -27.75 -5.79
CA GLN A 117 11.15 -28.02 -4.38
C GLN A 117 9.84 -27.34 -3.97
N MET A 118 9.60 -26.08 -4.41
CA MET A 118 8.32 -25.42 -4.08
C MET A 118 7.12 -26.18 -4.66
N SER A 119 7.15 -26.61 -5.89
CA SER A 119 6.07 -27.41 -6.49
C SER A 119 5.83 -28.70 -5.71
N ARG A 120 6.91 -29.36 -5.30
CA ARG A 120 6.81 -30.62 -4.61
C ARG A 120 6.16 -30.41 -3.25
N ILE A 121 6.64 -29.41 -2.49
CA ILE A 121 6.09 -29.17 -1.17
C ILE A 121 4.58 -28.90 -1.29
N TYR A 122 4.14 -28.06 -2.22
CA TYR A 122 2.74 -27.72 -2.32
C TYR A 122 1.93 -28.99 -2.62
N SER A 123 2.37 -29.77 -3.61
CA SER A 123 1.54 -30.82 -4.17
C SER A 123 1.59 -32.13 -3.36
N THR A 124 2.50 -32.25 -2.38
CA THR A 124 2.57 -33.43 -1.54
C THR A 124 2.24 -33.12 -0.10
N ALA A 125 1.96 -31.87 0.24
CA ALA A 125 1.57 -31.59 1.63
C ALA A 125 0.29 -32.33 2.02
N LYS A 126 0.22 -32.70 3.28
CA LYS A 126 -0.89 -33.45 3.85
C LYS A 126 -1.21 -32.86 5.22
N VAL A 127 -2.43 -33.11 5.68
CA VAL A 127 -2.80 -32.80 7.06
C VAL A 127 -3.07 -34.12 7.76
N CYS A 128 -2.53 -34.37 8.94
CA CYS A 128 -2.70 -35.66 9.61
C CYS A 128 -3.52 -35.54 10.89
N LEU A 129 -4.11 -36.64 11.44
CA LEU A 129 -4.74 -36.74 12.77
C LEU A 129 -4.49 -35.48 13.61
N THR A 135 -2.45 -41.51 9.21
CA THR A 135 -3.77 -41.28 8.57
C THR A 135 -3.89 -39.82 8.08
N CYS A 136 -3.66 -39.55 6.77
CA CYS A 136 -3.43 -38.18 6.31
C CYS A 136 -4.34 -37.75 5.15
N TRP A 137 -4.89 -36.53 5.24
CA TRP A 137 -5.72 -35.98 4.17
C TRP A 137 -4.91 -35.21 3.14
N SER A 138 -5.18 -35.44 1.84
CA SER A 138 -4.66 -34.64 0.75
C SER A 138 -5.55 -33.41 0.52
N LEU A 139 -5.01 -32.43 -0.20
CA LEU A 139 -5.79 -31.27 -0.56
C LEU A 139 -6.96 -31.68 -1.45
N ASP A 140 -6.64 -32.43 -2.49
CA ASP A 140 -7.59 -32.80 -3.51
C ASP A 140 -7.54 -34.32 -3.49
N PRO A 141 -8.61 -35.06 -3.09
CA PRO A 141 -9.94 -34.54 -2.80
C PRO A 141 -10.32 -34.20 -1.36
N ASP A 142 -9.60 -34.75 -0.38
CA ASP A 142 -10.12 -34.77 0.97
C ASP A 142 -10.39 -33.37 1.55
N LEU A 143 -9.38 -32.47 1.57
CA LEU A 143 -9.58 -31.17 2.20
C LEU A 143 -10.60 -30.35 1.38
N THR A 144 -10.51 -30.40 0.06
CA THR A 144 -11.44 -29.78 -0.83
C THR A 144 -12.88 -30.15 -0.42
N ASN A 145 -13.09 -31.44 -0.15
CA ASN A 145 -14.43 -31.92 0.10
C ASN A 145 -14.87 -31.46 1.48
N ILE A 146 -13.97 -31.47 2.45
CA ILE A 146 -14.31 -30.93 3.74
C ILE A 146 -14.73 -29.45 3.62
N LEU A 147 -13.93 -28.61 2.96
CA LEU A 147 -14.20 -27.18 2.86
C LEU A 147 -15.56 -26.99 2.16
N ALA A 148 -15.83 -27.86 1.17
CA ALA A 148 -17.03 -27.71 0.34
C ALA A 148 -18.30 -28.13 1.08
N SER A 149 -18.23 -29.18 1.94
CA SER A 149 -19.46 -29.88 2.27
C SER A 149 -19.67 -29.91 3.78
N SER A 150 -18.59 -29.91 4.57
CA SER A 150 -18.73 -29.82 6.01
C SER A 150 -19.33 -28.45 6.37
N ARG A 151 -20.17 -28.48 7.40
CA ARG A 151 -20.82 -27.31 7.96
C ARG A 151 -20.63 -27.36 9.46
N SER A 152 -19.49 -27.92 9.84
CA SER A 152 -19.06 -27.96 11.23
C SER A 152 -17.85 -27.04 11.38
N TYR A 153 -17.99 -26.07 12.27
CA TYR A 153 -17.04 -25.01 12.44
C TYR A 153 -15.65 -25.61 12.77
N ALA A 154 -15.60 -26.61 13.66
CA ALA A 154 -14.37 -27.17 14.19
C ALA A 154 -13.67 -28.01 13.12
N MET A 155 -14.43 -28.75 12.35
CA MET A 155 -13.87 -29.57 11.30
C MET A 155 -13.26 -28.68 10.21
N LEU A 156 -14.03 -27.69 9.77
CA LEU A 156 -13.57 -26.77 8.74
C LEU A 156 -12.30 -26.06 9.19
N LEU A 157 -12.25 -25.69 10.46
CA LEU A 157 -11.11 -24.99 10.99
C LEU A 157 -9.86 -25.88 10.99
N PHE A 158 -10.01 -27.13 11.45
CA PHE A 158 -8.91 -28.06 11.46
C PHE A 158 -8.33 -28.20 10.06
N ALA A 159 -9.22 -28.26 9.05
CA ALA A 159 -8.80 -28.43 7.68
C ALA A 159 -8.08 -27.17 7.19
N TRP A 160 -8.69 -25.99 7.49
CA TRP A 160 -8.13 -24.70 7.11
C TRP A 160 -6.74 -24.47 7.68
N GLU A 161 -6.64 -24.64 8.97
CA GLU A 161 -5.40 -24.39 9.67
C GLU A 161 -4.36 -25.42 9.28
N GLY A 162 -4.73 -26.68 9.32
CA GLY A 162 -3.88 -27.78 8.90
C GLY A 162 -3.21 -27.50 7.55
N TRP A 163 -4.02 -27.18 6.53
CA TRP A 163 -3.52 -26.94 5.20
C TRP A 163 -2.55 -25.75 5.17
N HIS A 164 -3.00 -24.60 5.70
CA HIS A 164 -2.17 -23.40 5.64
C HIS A 164 -0.84 -23.61 6.35
N ASN A 165 -0.86 -24.28 7.49
CA ASN A 165 0.36 -24.62 8.21
C ASN A 165 1.25 -25.60 7.42
N ALA A 166 0.69 -26.72 6.91
CA ALA A 166 1.44 -27.75 6.26
C ALA A 166 2.08 -27.25 4.97
N ALA A 167 1.38 -26.46 4.15
CA ALA A 167 1.89 -26.01 2.86
C ALA A 167 2.71 -24.73 2.96
N GLY A 168 2.19 -23.75 3.74
CA GLY A 168 2.79 -22.43 3.78
C GLY A 168 4.12 -22.37 4.52
N ILE A 169 4.18 -22.95 5.76
CA ILE A 169 5.32 -22.71 6.62
C ILE A 169 6.64 -23.15 5.95
N PRO A 170 6.78 -24.36 5.41
CA PRO A 170 8.04 -24.73 4.77
C PRO A 170 8.35 -24.04 3.42
N LEU A 171 7.38 -23.43 2.80
CA LEU A 171 7.65 -22.72 1.54
C LEU A 171 8.42 -21.43 1.80
N LYS A 172 8.27 -20.84 2.98
CA LYS A 172 8.69 -19.46 3.13
C LYS A 172 10.17 -19.28 2.78
N PRO A 173 11.18 -20.02 3.33
CA PRO A 173 12.57 -19.70 3.00
C PRO A 173 12.86 -19.80 1.50
N LEU A 174 12.21 -20.75 0.83
N LEU A 174 12.22 -20.76 0.83
CA LEU A 174 12.45 -20.98 -0.57
CA LEU A 174 12.46 -20.98 -0.57
C LEU A 174 11.86 -19.85 -1.37
C LEU A 174 11.87 -19.82 -1.36
N TYR A 175 10.68 -19.36 -0.95
CA TYR A 175 10.02 -18.31 -1.70
C TYR A 175 10.84 -17.02 -1.69
N GLU A 176 11.48 -16.75 -0.55
N GLU A 176 11.49 -16.75 -0.56
CA GLU A 176 12.35 -15.60 -0.45
CA GLU A 176 12.34 -15.58 -0.48
C GLU A 176 13.53 -15.69 -1.44
C GLU A 176 13.52 -15.69 -1.46
N ASP A 177 14.15 -16.88 -1.54
CA ASP A 177 15.31 -17.11 -2.39
C ASP A 177 14.90 -17.05 -3.87
N PHE A 178 13.73 -17.61 -4.18
CA PHE A 178 13.18 -17.55 -5.50
C PHE A 178 13.01 -16.08 -5.93
N THR A 179 12.42 -15.25 -5.07
CA THR A 179 12.08 -13.87 -5.37
C THR A 179 13.33 -13.08 -5.74
N ALA A 180 14.41 -13.24 -4.93
CA ALA A 180 15.66 -12.55 -5.23
C ALA A 180 16.24 -13.00 -6.58
N LEU A 181 16.22 -14.32 -6.84
CA LEU A 181 16.81 -14.78 -8.09
C LEU A 181 15.96 -14.32 -9.30
N SER A 182 14.64 -14.39 -9.20
CA SER A 182 13.78 -14.00 -10.31
C SER A 182 14.04 -12.54 -10.69
N ASN A 183 14.16 -11.69 -9.67
CA ASN A 183 14.36 -10.27 -9.85
C ASN A 183 15.71 -10.07 -10.49
N GLU A 184 16.71 -10.78 -10.01
CA GLU A 184 18.06 -10.64 -10.57
C GLU A 184 18.03 -10.95 -12.06
N ALA A 185 17.33 -12.00 -12.42
CA ALA A 185 17.19 -12.45 -13.78
C ALA A 185 16.57 -11.36 -14.67
N TYR A 186 15.39 -10.88 -14.28
CA TYR A 186 14.61 -9.96 -15.08
C TYR A 186 15.20 -8.55 -15.07
N LYS A 187 16.00 -8.19 -14.07
CA LYS A 187 16.60 -6.87 -14.05
C LYS A 187 17.61 -6.77 -15.19
N GLN A 188 18.20 -7.90 -15.62
N GLN A 188 18.21 -7.90 -15.59
CA GLN A 188 19.16 -7.90 -16.72
CA GLN A 188 19.14 -7.92 -16.71
C GLN A 188 18.45 -7.91 -18.09
C GLN A 188 18.41 -7.63 -18.01
N ASP A 189 17.14 -8.04 -18.12
CA ASP A 189 16.36 -7.75 -19.32
C ASP A 189 15.85 -6.32 -19.31
N GLY A 190 16.14 -5.47 -18.31
CA GLY A 190 15.73 -4.06 -18.31
C GLY A 190 14.51 -3.73 -17.43
N PHE A 191 13.90 -4.70 -16.72
CA PHE A 191 12.78 -4.46 -15.85
C PHE A 191 13.18 -4.09 -14.41
N THR A 192 12.44 -3.19 -13.73
CA THR A 192 12.76 -2.90 -12.32
C THR A 192 12.63 -4.16 -11.43
N ASP A 193 11.71 -5.09 -11.74
CA ASP A 193 11.50 -6.29 -10.97
C ASP A 193 10.62 -7.20 -11.80
N THR A 194 10.45 -8.42 -11.36
CA THR A 194 9.71 -9.42 -12.07
C THR A 194 8.24 -9.00 -12.30
N GLY A 195 7.63 -8.38 -11.31
CA GLY A 195 6.26 -7.89 -11.42
C GLY A 195 6.10 -6.94 -12.57
N ALA A 196 7.12 -6.09 -12.86
CA ALA A 196 7.05 -5.18 -13.99
C ALA A 196 7.07 -5.99 -15.29
N TYR A 197 7.88 -7.08 -15.31
CA TYR A 197 7.86 -7.90 -16.48
C TYR A 197 6.47 -8.55 -16.64
N TRP A 198 5.88 -9.14 -15.58
CA TRP A 198 4.60 -9.78 -15.73
C TRP A 198 3.54 -8.80 -16.27
N ARG A 199 3.51 -7.59 -15.73
CA ARG A 199 2.58 -6.54 -16.14
C ARG A 199 2.80 -6.10 -17.60
N SER A 200 4.04 -6.18 -18.12
CA SER A 200 4.36 -5.75 -19.48
C SER A 200 3.54 -6.54 -20.50
N TRP A 201 3.08 -7.74 -20.14
CA TRP A 201 2.32 -8.53 -21.08
C TRP A 201 1.00 -7.87 -21.51
N TYR A 202 0.46 -6.89 -20.78
CA TYR A 202 -0.81 -6.29 -21.15
C TYR A 202 -0.59 -5.10 -22.06
N ASN A 203 0.68 -4.76 -22.28
CA ASN A 203 1.07 -3.65 -23.12
C ASN A 203 0.12 -2.46 -23.00
N SER A 204 -0.03 -1.98 -21.77
CA SER A 204 -0.87 -0.86 -21.47
C SER A 204 -0.12 0.02 -20.46
N PRO A 205 0.14 1.29 -20.77
CA PRO A 205 0.78 2.14 -19.77
C PRO A 205 -0.06 2.35 -18.51
N THR A 206 -1.39 2.34 -18.61
CA THR A 206 -2.25 2.67 -17.49
C THR A 206 -2.85 1.38 -16.85
N PHE A 207 -2.18 0.22 -16.93
CA PHE A 207 -2.77 -1.04 -16.52
C PHE A 207 -3.31 -1.00 -15.10
N GLU A 208 -2.47 -0.56 -14.16
CA GLU A 208 -2.80 -0.60 -12.74
C GLU A 208 -3.98 0.32 -12.42
N ASP A 209 -3.96 1.52 -12.97
CA ASP A 209 -5.05 2.47 -12.87
C ASP A 209 -6.33 1.90 -13.50
N ASP A 210 -6.22 1.28 -14.67
CA ASP A 210 -7.36 0.68 -15.36
C ASP A 210 -8.02 -0.42 -14.51
N LEU A 211 -7.22 -1.21 -13.81
CA LEU A 211 -7.74 -2.28 -13.00
C LEU A 211 -8.47 -1.67 -11.82
N GLU A 212 -7.83 -0.69 -11.21
CA GLU A 212 -8.42 -0.01 -10.07
C GLU A 212 -9.77 0.60 -10.44
N HIS A 213 -9.89 1.22 -11.61
CA HIS A 213 -11.14 1.85 -12.02
C HIS A 213 -12.22 0.77 -12.24
N LEU A 214 -11.84 -0.43 -12.67
CA LEU A 214 -12.78 -1.52 -12.85
C LEU A 214 -13.28 -1.98 -11.51
N TYR A 215 -12.33 -2.13 -10.58
CA TYR A 215 -12.64 -2.70 -9.27
C TYR A 215 -13.60 -1.73 -8.54
N GLN A 216 -13.38 -0.43 -8.69
CA GLN A 216 -14.28 0.51 -8.07
C GLN A 216 -15.71 0.33 -8.55
N GLN A 217 -15.96 0.01 -9.81
CA GLN A 217 -17.33 -0.24 -10.26
C GLN A 217 -17.93 -1.55 -9.73
N LEU A 218 -17.10 -2.52 -9.41
CA LEU A 218 -17.53 -3.88 -9.09
C LEU A 218 -17.69 -4.04 -7.59
N GLU A 219 -16.94 -3.23 -6.86
CA GLU A 219 -16.86 -3.37 -5.42
C GLU A 219 -18.25 -3.31 -4.77
N PRO A 220 -19.17 -2.38 -5.10
CA PRO A 220 -20.48 -2.41 -4.46
C PRO A 220 -21.21 -3.77 -4.58
N LEU A 221 -21.07 -4.45 -5.72
CA LEU A 221 -21.70 -5.75 -5.93
C LEU A 221 -21.17 -6.71 -4.85
N TYR A 222 -19.85 -6.67 -4.70
CA TYR A 222 -19.20 -7.59 -3.78
C TYR A 222 -19.64 -7.26 -2.36
N LEU A 223 -19.74 -5.98 -2.03
CA LEU A 223 -20.09 -5.60 -0.67
C LEU A 223 -21.48 -6.13 -0.32
N ASN A 224 -22.41 -6.10 -1.27
CA ASN A 224 -23.77 -6.54 -1.02
C ASN A 224 -23.87 -8.04 -0.94
N LEU A 225 -23.14 -8.73 -1.78
CA LEU A 225 -23.11 -10.19 -1.72
C LEU A 225 -22.56 -10.67 -0.38
N HIS A 226 -21.46 -10.02 0.04
CA HIS A 226 -20.77 -10.31 1.28
C HIS A 226 -21.74 -10.19 2.44
N ALA A 227 -22.42 -9.06 2.54
CA ALA A 227 -23.32 -8.80 3.66
C ALA A 227 -24.44 -9.85 3.74
N PHE A 228 -24.98 -10.21 2.59
CA PHE A 228 -26.08 -11.14 2.50
C PHE A 228 -25.64 -12.54 2.90
N VAL A 229 -24.44 -12.91 2.45
CA VAL A 229 -23.86 -14.17 2.83
C VAL A 229 -23.50 -14.16 4.32
N ARG A 230 -22.94 -13.06 4.80
CA ARG A 230 -22.62 -13.01 6.23
C ARG A 230 -23.86 -13.25 7.09
N ARG A 231 -24.98 -12.66 6.69
CA ARG A 231 -26.23 -12.83 7.43
C ARG A 231 -26.65 -14.30 7.45
N ALA A 232 -26.50 -15.00 6.30
CA ALA A 232 -26.92 -16.40 6.25
C ALA A 232 -25.97 -17.21 7.12
N LEU A 233 -24.69 -16.82 7.15
CA LEU A 233 -23.74 -17.50 8.02
C LEU A 233 -24.11 -17.31 9.50
N HIS A 234 -24.50 -16.08 9.85
CA HIS A 234 -24.88 -15.74 11.22
C HIS A 234 -26.01 -16.66 11.64
N ARG A 235 -27.03 -16.83 10.79
CA ARG A 235 -28.19 -17.62 11.21
C ARG A 235 -27.76 -19.05 11.51
N ARG A 236 -26.71 -19.55 10.85
CA ARG A 236 -26.29 -20.94 11.03
C ARG A 236 -25.30 -21.08 12.17
N TYR A 237 -24.28 -20.21 12.18
CA TYR A 237 -23.17 -20.43 13.08
C TYR A 237 -23.32 -19.69 14.38
N GLY A 238 -24.19 -18.68 14.46
CA GLY A 238 -24.44 -17.97 15.70
C GLY A 238 -23.51 -16.76 15.86
N ASP A 239 -23.82 -15.97 16.88
CA ASP A 239 -23.20 -14.70 17.13
C ASP A 239 -21.77 -14.85 17.65
N ARG A 240 -21.44 -15.97 18.29
CA ARG A 240 -20.07 -16.09 18.74
C ARG A 240 -19.09 -16.18 17.58
N TYR A 241 -19.47 -16.78 16.44
CA TYR A 241 -18.50 -17.01 15.38
C TYR A 241 -18.67 -16.11 14.17
N ILE A 242 -19.79 -15.37 14.08
CA ILE A 242 -20.08 -14.46 12.98
C ILE A 242 -20.41 -13.10 13.56
N ASN A 243 -19.61 -12.11 13.16
CA ASN A 243 -19.79 -10.73 13.57
C ASN A 243 -20.44 -10.02 12.38
N LEU A 244 -21.67 -9.60 12.57
CA LEU A 244 -22.43 -8.92 11.52
C LEU A 244 -21.83 -7.58 11.12
N ARG A 245 -20.81 -7.10 11.83
CA ARG A 245 -20.14 -5.87 11.42
C ARG A 245 -18.66 -6.08 11.20
N GLY A 246 -18.23 -7.34 11.03
CA GLY A 246 -16.82 -7.67 10.99
C GLY A 246 -16.57 -8.61 9.83
N PRO A 247 -15.29 -8.90 9.53
CA PRO A 247 -14.97 -9.83 8.47
C PRO A 247 -15.48 -11.23 8.80
N ILE A 248 -15.70 -11.99 7.72
CA ILE A 248 -16.16 -13.36 7.77
C ILE A 248 -14.97 -14.27 7.99
N PRO A 249 -15.07 -15.19 8.96
CA PRO A 249 -14.01 -16.17 9.14
C PRO A 249 -13.70 -16.91 7.83
N ALA A 250 -12.38 -17.03 7.46
CA ALA A 250 -11.97 -17.40 6.09
C ALA A 250 -12.19 -18.89 5.72
N HIS A 251 -12.65 -19.72 6.65
CA HIS A 251 -12.90 -21.13 6.42
C HIS A 251 -14.38 -21.47 6.17
N LEU A 252 -15.28 -20.48 6.16
CA LEU A 252 -16.69 -20.78 6.12
C LEU A 252 -17.33 -20.57 4.75
N LEU A 253 -16.59 -20.33 3.68
CA LEU A 253 -17.20 -19.91 2.43
C LEU A 253 -17.13 -20.96 1.34
N GLY A 254 -16.70 -22.18 1.68
CA GLY A 254 -16.92 -23.33 0.84
C GLY A 254 -15.69 -23.78 0.07
N ASP A 255 -14.61 -23.05 0.28
CA ASP A 255 -13.41 -23.15 -0.50
C ASP A 255 -12.24 -22.80 0.42
N MET A 256 -11.10 -23.44 0.21
CA MET A 256 -9.93 -23.28 1.07
C MET A 256 -9.48 -21.81 1.06
N TRP A 257 -9.64 -21.12 -0.07
CA TRP A 257 -9.15 -19.73 -0.23
C TRP A 257 -10.30 -18.70 -0.07
N ALA A 258 -11.53 -19.18 0.22
CA ALA A 258 -12.70 -18.31 0.26
C ALA A 258 -12.84 -17.64 -1.12
N GLN A 259 -12.38 -18.28 -2.20
CA GLN A 259 -12.27 -17.51 -3.44
C GLN A 259 -13.53 -17.62 -4.31
N SER A 260 -14.27 -18.69 -4.15
CA SER A 260 -15.52 -18.89 -4.87
C SER A 260 -16.47 -19.39 -3.81
N TRP A 261 -17.71 -18.95 -3.80
CA TRP A 261 -18.61 -19.36 -2.70
C TRP A 261 -19.77 -20.27 -3.14
N GLU A 262 -19.70 -20.80 -4.35
CA GLU A 262 -20.70 -21.68 -4.96
C GLU A 262 -21.12 -22.82 -4.04
N ASN A 263 -20.19 -23.39 -3.26
CA ASN A 263 -20.53 -24.49 -2.35
C ASN A 263 -21.37 -24.17 -1.15
N ILE A 264 -21.54 -22.90 -0.76
CA ILE A 264 -22.51 -22.62 0.31
C ILE A 264 -23.84 -22.16 -0.29
N TYR A 265 -24.04 -22.35 -1.59
CA TYR A 265 -25.29 -22.00 -2.26
C TYR A 265 -26.49 -22.54 -1.50
N ASP A 266 -26.39 -23.79 -1.01
CA ASP A 266 -27.54 -24.37 -0.32
C ASP A 266 -27.90 -23.59 0.92
N MET A 267 -26.99 -22.81 1.51
CA MET A 267 -27.36 -22.10 2.73
C MET A 267 -27.89 -20.73 2.44
N VAL A 268 -27.66 -20.22 1.22
CA VAL A 268 -27.98 -18.82 0.93
C VAL A 268 -29.08 -18.69 -0.13
N VAL A 269 -29.52 -19.81 -0.72
CA VAL A 269 -30.49 -19.75 -1.81
C VAL A 269 -31.73 -18.93 -1.38
N PRO A 270 -32.05 -17.82 -2.08
CA PRO A 270 -33.22 -17.01 -1.82
C PRO A 270 -34.54 -17.76 -1.80
N PHE A 271 -34.80 -18.62 -2.80
CA PHE A 271 -36.11 -19.21 -2.96
C PHE A 271 -35.97 -20.71 -3.09
N PRO A 272 -35.87 -21.42 -1.96
CA PRO A 272 -35.68 -22.87 -1.95
C PRO A 272 -36.78 -23.74 -2.58
N ASP A 273 -38.05 -23.38 -2.87
CA ASP A 273 -38.81 -24.41 -3.60
C ASP A 273 -38.91 -24.18 -5.11
N LYS A 274 -38.02 -23.36 -5.66
CA LYS A 274 -37.79 -23.36 -7.10
C LYS A 274 -36.86 -24.53 -7.43
N PRO A 275 -36.59 -24.81 -8.72
CA PRO A 275 -35.63 -25.86 -9.10
C PRO A 275 -34.28 -25.75 -8.39
N ASN A 276 -33.73 -26.87 -7.97
CA ASN A 276 -32.42 -26.94 -7.37
C ASN A 276 -31.37 -26.78 -8.48
N LEU A 277 -30.63 -25.67 -8.48
CA LEU A 277 -29.77 -25.33 -9.61
C LEU A 277 -28.39 -25.95 -9.49
N ASP A 278 -28.13 -26.62 -8.37
CA ASP A 278 -26.90 -27.39 -8.24
C ASP A 278 -27.22 -28.83 -8.52
N VAL A 279 -26.72 -29.27 -9.69
CA VAL A 279 -27.12 -30.51 -10.29
C VAL A 279 -26.15 -31.62 -9.89
N THR A 280 -25.24 -31.36 -8.94
CA THR A 280 -24.28 -32.37 -8.49
C THR A 280 -25.00 -33.68 -8.12
N SER A 281 -26.05 -33.63 -7.32
N SER A 281 -26.05 -33.63 -7.31
CA SER A 281 -26.75 -34.85 -6.93
CA SER A 281 -26.78 -34.83 -6.94
C SER A 281 -27.25 -35.62 -8.16
C SER A 281 -27.26 -35.61 -8.16
N THR A 282 -27.70 -34.89 -9.19
CA THR A 282 -28.25 -35.56 -10.35
C THR A 282 -27.12 -36.23 -11.13
N MET A 283 -25.97 -35.53 -11.21
CA MET A 283 -24.82 -36.09 -11.92
C MET A 283 -24.45 -37.45 -11.28
N LEU A 284 -24.35 -37.51 -9.94
CA LEU A 284 -24.01 -38.73 -9.21
C LEU A 284 -25.08 -39.78 -9.44
N GLN A 285 -26.34 -39.36 -9.17
CA GLN A 285 -27.51 -40.20 -9.38
C GLN A 285 -27.47 -40.82 -10.76
N GLN A 286 -27.04 -40.07 -11.78
CA GLN A 286 -27.00 -40.61 -13.14
C GLN A 286 -25.71 -41.37 -13.47
N GLY A 287 -24.73 -41.40 -12.59
CA GLY A 287 -23.55 -42.21 -12.90
C GLY A 287 -22.52 -41.49 -13.76
N TRP A 288 -22.46 -40.16 -13.72
CA TRP A 288 -21.47 -39.43 -14.53
C TRP A 288 -20.07 -39.76 -14.00
N GLN A 289 -19.11 -39.89 -14.89
CA GLN A 289 -17.72 -40.00 -14.51
C GLN A 289 -16.91 -38.89 -15.22
N ALA A 290 -15.61 -38.81 -14.88
CA ALA A 290 -14.74 -37.81 -15.47
C ALA A 290 -14.89 -37.81 -16.97
N THR A 291 -14.71 -38.95 -17.61
CA THR A 291 -14.61 -38.93 -19.07
C THR A 291 -15.95 -38.42 -19.68
N HIS A 292 -17.08 -38.65 -19.07
CA HIS A 292 -18.35 -38.14 -19.57
C HIS A 292 -18.36 -36.61 -19.52
N MET A 293 -17.78 -36.07 -18.44
CA MET A 293 -17.73 -34.65 -18.22
C MET A 293 -16.92 -34.03 -19.37
N PHE A 294 -15.76 -34.60 -19.74
CA PHE A 294 -14.92 -34.05 -20.80
C PHE A 294 -15.62 -34.23 -22.16
N ARG A 295 -16.34 -35.34 -22.34
CA ARG A 295 -17.08 -35.59 -23.57
C ARG A 295 -18.20 -34.57 -23.79
N VAL A 296 -18.84 -34.16 -22.71
CA VAL A 296 -19.95 -33.23 -22.82
C VAL A 296 -19.41 -31.84 -23.09
N ALA A 297 -18.28 -31.49 -22.48
CA ALA A 297 -17.60 -30.25 -22.79
C ALA A 297 -17.23 -30.20 -24.26
N GLU A 298 -16.55 -31.24 -24.73
CA GLU A 298 -16.14 -31.34 -26.10
C GLU A 298 -17.31 -31.10 -27.05
N GLU A 299 -18.43 -31.77 -26.80
CA GLU A 299 -19.55 -31.71 -27.73
C GLU A 299 -20.09 -30.28 -27.83
N PHE A 300 -19.96 -29.47 -26.77
CA PHE A 300 -20.31 -28.05 -26.81
C PHE A 300 -19.41 -27.33 -27.85
N PHE A 301 -18.12 -27.58 -27.75
CA PHE A 301 -17.17 -27.07 -28.71
C PHE A 301 -17.49 -27.49 -30.12
N THR A 302 -17.77 -28.77 -30.38
CA THR A 302 -18.06 -29.15 -31.75
C THR A 302 -19.42 -28.59 -32.17
N SER A 303 -20.32 -28.30 -31.23
CA SER A 303 -21.61 -27.73 -31.61
C SER A 303 -21.43 -26.35 -32.25
N LEU A 304 -20.34 -25.67 -31.88
CA LEU A 304 -19.96 -24.35 -32.41
C LEU A 304 -19.13 -24.48 -33.69
N GLU A 305 -18.86 -25.70 -34.14
CA GLU A 305 -17.92 -25.94 -35.23
C GLU A 305 -16.52 -25.54 -34.82
N LEU A 306 -16.20 -25.69 -33.54
CA LEU A 306 -14.80 -25.71 -33.14
C LEU A 306 -14.34 -27.16 -33.16
N SER A 307 -13.06 -27.36 -32.86
N SER A 307 -13.06 -27.36 -32.86
CA SER A 307 -12.42 -28.64 -33.06
CA SER A 307 -12.42 -28.64 -33.06
C SER A 307 -12.75 -29.60 -31.92
C SER A 307 -12.75 -29.60 -31.92
N PRO A 308 -12.93 -30.91 -32.22
CA PRO A 308 -12.94 -31.95 -31.19
C PRO A 308 -11.56 -32.11 -30.58
N MET A 309 -11.49 -32.75 -29.42
CA MET A 309 -10.20 -33.13 -28.86
C MET A 309 -9.62 -34.27 -29.67
N PRO A 310 -8.34 -34.17 -30.10
CA PRO A 310 -7.78 -35.20 -30.96
C PRO A 310 -7.51 -36.50 -30.20
N PRO A 311 -7.19 -37.60 -30.90
CA PRO A 311 -6.83 -38.87 -30.27
C PRO A 311 -5.73 -38.78 -29.24
N GLU A 312 -4.69 -38.00 -29.54
CA GLU A 312 -3.57 -37.78 -28.63
C GLU A 312 -4.00 -37.23 -27.30
N PHE A 313 -5.06 -36.41 -27.28
CA PHE A 313 -5.56 -35.86 -26.03
C PHE A 313 -6.21 -36.95 -25.17
N TRP A 314 -7.04 -37.80 -25.78
CA TRP A 314 -7.71 -38.88 -25.05
C TRP A 314 -6.69 -39.94 -24.58
N GLU A 315 -5.67 -40.24 -25.38
CA GLU A 315 -4.74 -41.31 -25.03
C GLU A 315 -3.77 -40.83 -23.95
N GLY A 316 -3.44 -39.53 -23.93
CA GLY A 316 -2.35 -39.04 -23.08
C GLY A 316 -2.78 -38.37 -21.79
N SER A 317 -4.05 -37.87 -21.75
CA SER A 317 -4.51 -37.02 -20.67
C SER A 317 -4.59 -37.82 -19.38
N MET A 318 -4.52 -37.14 -18.22
CA MET A 318 -4.82 -37.73 -16.92
C MET A 318 -6.05 -37.03 -16.33
N LEU A 319 -7.19 -37.74 -16.30
CA LEU A 319 -8.49 -37.11 -16.11
C LEU A 319 -9.05 -37.49 -14.76
N GLU A 320 -8.39 -38.42 -14.07
CA GLU A 320 -8.70 -38.85 -12.73
C GLU A 320 -7.39 -38.89 -11.93
N LYS A 321 -7.51 -38.69 -10.62
CA LYS A 321 -6.41 -38.98 -9.73
C LYS A 321 -6.01 -40.46 -9.84
N PRO A 322 -4.72 -40.76 -10.13
CA PRO A 322 -4.21 -42.15 -10.12
C PRO A 322 -4.54 -42.95 -8.86
N ALA A 323 -5.08 -44.12 -9.08
CA ALA A 323 -5.40 -45.02 -8.00
C ALA A 323 -4.22 -45.92 -7.61
N ASP A 324 -3.14 -45.91 -8.41
CA ASP A 324 -2.06 -46.89 -8.29
C ASP A 324 -0.99 -46.46 -7.29
N GLY A 325 -1.31 -45.56 -6.36
CA GLY A 325 -0.28 -45.05 -5.45
C GLY A 325 0.21 -43.64 -5.87
N ARG A 326 1.15 -43.61 -6.84
CA ARG A 326 1.72 -42.42 -7.43
C ARG A 326 1.17 -41.11 -6.88
N GLU A 327 2.11 -40.22 -6.57
CA GLU A 327 1.82 -38.84 -6.22
C GLU A 327 1.81 -38.02 -7.49
N VAL A 328 0.85 -37.11 -7.57
CA VAL A 328 0.65 -36.28 -8.74
C VAL A 328 0.37 -34.86 -8.27
N VAL A 329 0.59 -33.90 -9.16
CA VAL A 329 0.04 -32.57 -9.00
C VAL A 329 -1.44 -32.58 -9.41
N CYS A 330 -2.35 -32.38 -8.45
CA CYS A 330 -3.76 -32.54 -8.74
C CYS A 330 -4.36 -31.28 -9.34
N HIS A 331 -3.70 -30.12 -9.14
CA HIS A 331 -4.22 -28.85 -9.59
C HIS A 331 -4.45 -28.89 -11.11
N ALA A 332 -5.69 -28.65 -11.57
CA ALA A 332 -6.08 -28.82 -12.97
C ALA A 332 -5.23 -27.93 -13.92
N SER A 333 -4.79 -28.49 -15.04
CA SER A 333 -4.00 -27.72 -15.99
C SER A 333 -4.13 -28.34 -17.38
N ALA A 334 -3.90 -27.47 -18.38
CA ALA A 334 -3.98 -27.74 -19.79
C ALA A 334 -2.64 -27.46 -20.44
N TRP A 335 -2.19 -28.45 -21.25
CA TRP A 335 -0.82 -28.59 -21.66
C TRP A 335 -0.70 -28.62 -23.18
N ASP A 336 0.12 -27.67 -23.65
CA ASP A 336 0.58 -27.63 -25.02
C ASP A 336 2.01 -28.20 -25.05
N PHE A 337 2.26 -29.23 -25.87
CA PHE A 337 3.59 -29.79 -25.99
C PHE A 337 4.44 -29.13 -27.08
N TYR A 338 3.90 -28.17 -27.80
CA TYR A 338 4.61 -27.38 -28.80
C TYR A 338 5.12 -28.24 -29.97
N ASN A 339 4.51 -29.42 -30.21
CA ASN A 339 4.81 -30.23 -31.38
C ASN A 339 3.61 -30.26 -32.32
N ARG A 340 2.58 -29.47 -32.06
CA ARG A 340 1.38 -29.41 -32.90
C ARG A 340 0.56 -30.69 -32.89
N LYS A 341 0.81 -31.60 -31.95
CA LYS A 341 0.21 -32.93 -32.01
C LYS A 341 -0.34 -33.32 -30.64
N ASP A 342 0.49 -33.15 -29.59
CA ASP A 342 0.14 -33.50 -28.24
C ASP A 342 -0.36 -32.26 -27.49
N PHE A 343 -1.56 -32.44 -26.94
CA PHE A 343 -2.26 -31.51 -26.08
C PHE A 343 -2.98 -32.38 -25.07
N ARG A 344 -2.90 -32.02 -23.80
CA ARG A 344 -3.43 -32.85 -22.76
C ARG A 344 -3.96 -32.02 -21.60
N ILE A 345 -4.88 -32.64 -20.87
CA ILE A 345 -5.30 -32.08 -19.61
C ILE A 345 -4.85 -33.05 -18.52
N LYS A 346 -4.46 -32.46 -17.37
CA LYS A 346 -4.14 -33.19 -16.17
C LYS A 346 -5.05 -32.66 -15.07
N GLN A 347 -6.02 -33.48 -14.63
CA GLN A 347 -7.01 -33.01 -13.68
C GLN A 347 -7.42 -34.18 -12.79
N CYS A 348 -7.47 -33.97 -11.47
CA CYS A 348 -7.98 -34.96 -10.55
C CYS A 348 -9.49 -34.74 -10.45
N THR A 349 -10.18 -35.11 -11.52
CA THR A 349 -11.54 -34.65 -11.75
C THR A 349 -12.44 -35.29 -10.73
N ARG A 350 -13.28 -34.49 -10.08
CA ARG A 350 -14.37 -34.98 -9.24
C ARG A 350 -15.73 -34.74 -9.92
N VAL A 351 -16.72 -35.60 -9.62
CA VAL A 351 -18.04 -35.50 -10.22
C VAL A 351 -18.91 -34.50 -9.48
N THR A 352 -18.77 -33.21 -9.83
CA THR A 352 -19.49 -32.13 -9.20
C THR A 352 -19.82 -31.09 -10.29
N MET A 353 -20.80 -30.25 -9.99
CA MET A 353 -21.14 -29.19 -10.92
C MET A 353 -19.99 -28.18 -11.09
N ASP A 354 -19.30 -27.73 -10.02
CA ASP A 354 -18.20 -26.79 -10.20
C ASP A 354 -17.05 -27.41 -10.99
N GLN A 355 -16.83 -28.72 -10.89
CA GLN A 355 -15.81 -29.38 -11.69
C GLN A 355 -16.21 -29.44 -13.16
N LEU A 356 -17.51 -29.55 -13.43
CA LEU A 356 -17.91 -29.50 -14.82
C LEU A 356 -17.49 -28.15 -15.42
N SER A 357 -17.69 -27.06 -14.67
CA SER A 357 -17.21 -25.76 -15.12
C SER A 357 -15.67 -25.79 -15.24
N THR A 358 -14.94 -26.35 -14.31
CA THR A 358 -13.49 -26.36 -14.38
C THR A 358 -13.07 -27.18 -15.61
N VAL A 359 -13.79 -28.24 -15.94
CA VAL A 359 -13.49 -29.05 -17.14
C VAL A 359 -13.61 -28.17 -18.39
N HIS A 360 -14.66 -27.34 -18.46
CA HIS A 360 -14.86 -26.39 -19.58
C HIS A 360 -13.71 -25.35 -19.61
N HIS A 361 -13.28 -24.88 -18.43
CA HIS A 361 -12.19 -23.91 -18.36
C HIS A 361 -10.91 -24.47 -19.02
N GLU A 362 -10.60 -25.69 -18.63
CA GLU A 362 -9.38 -26.35 -19.07
C GLU A 362 -9.48 -26.69 -20.57
N MET A 363 -10.64 -27.18 -20.99
N MET A 363 -10.65 -27.18 -20.99
CA MET A 363 -10.85 -27.47 -22.40
CA MET A 363 -10.94 -27.45 -22.39
C MET A 363 -10.80 -26.20 -23.26
C MET A 363 -10.80 -26.20 -23.25
N GLY A 364 -11.21 -25.05 -22.74
CA GLY A 364 -11.00 -23.77 -23.40
C GLY A 364 -9.50 -23.49 -23.70
N HIS A 365 -8.59 -23.82 -22.77
CA HIS A 365 -7.16 -23.74 -22.98
C HIS A 365 -6.73 -24.62 -24.16
N ILE A 366 -7.23 -25.87 -24.17
CA ILE A 366 -6.83 -26.79 -25.21
C ILE A 366 -7.30 -26.25 -26.55
N GLN A 367 -8.54 -25.71 -26.57
CA GLN A 367 -9.14 -25.33 -27.82
C GLN A 367 -8.29 -24.19 -28.38
N TYR A 368 -7.84 -23.26 -27.50
CA TYR A 368 -6.91 -22.22 -27.97
C TYR A 368 -5.68 -22.85 -28.63
N TYR A 369 -5.05 -23.80 -27.94
CA TYR A 369 -3.83 -24.44 -28.46
C TYR A 369 -4.07 -25.14 -29.79
N LEU A 370 -5.28 -25.68 -30.00
CA LEU A 370 -5.56 -26.37 -31.27
C LEU A 370 -5.69 -25.36 -32.39
N GLN A 371 -6.28 -24.18 -32.09
CA GLN A 371 -6.57 -23.21 -33.14
C GLN A 371 -5.33 -22.41 -33.58
N TYR A 372 -4.30 -22.29 -32.74
CA TYR A 372 -3.13 -21.46 -33.09
C TYR A 372 -1.87 -22.30 -33.29
N LYS A 373 -2.06 -23.62 -33.44
CA LYS A 373 -0.95 -24.56 -33.43
C LYS A 373 -0.02 -24.30 -34.61
N ASP A 374 -0.56 -23.70 -35.69
CA ASP A 374 0.24 -23.43 -36.89
C ASP A 374 0.89 -22.03 -36.90
N LEU A 375 0.81 -21.30 -35.80
CA LEU A 375 1.59 -20.07 -35.72
C LEU A 375 3.01 -20.44 -35.30
N PRO A 376 3.96 -19.49 -35.48
CA PRO A 376 5.26 -19.60 -34.85
C PRO A 376 5.18 -19.75 -33.34
N VAL A 377 6.07 -20.58 -32.81
CA VAL A 377 6.05 -20.89 -31.41
C VAL A 377 5.88 -19.61 -30.58
N SER A 378 6.55 -18.48 -30.93
CA SER A 378 6.54 -17.35 -30.00
C SER A 378 5.13 -16.72 -29.91
N LEU A 379 4.31 -16.87 -30.96
CA LEU A 379 2.96 -16.32 -31.02
C LEU A 379 1.85 -17.27 -30.55
N ARG A 380 2.21 -18.38 -29.91
CA ARG A 380 1.28 -19.40 -29.45
C ARG A 380 0.92 -19.09 -28.02
N ARG A 381 0.10 -18.05 -27.85
CA ARG A 381 -0.35 -17.62 -26.54
C ARG A 381 -1.62 -16.83 -26.74
N GLY A 382 -2.34 -16.44 -25.70
CA GLY A 382 -3.55 -15.67 -25.94
C GLY A 382 -3.20 -14.23 -26.33
N ALA A 383 -4.15 -13.45 -26.80
CA ALA A 383 -3.79 -12.10 -27.18
C ALA A 383 -3.27 -11.38 -25.93
N ASN A 384 -3.86 -11.69 -24.77
CA ASN A 384 -3.20 -11.51 -23.50
C ASN A 384 -3.55 -12.72 -22.66
N PRO A 385 -2.87 -12.93 -21.53
CA PRO A 385 -3.18 -14.05 -20.65
C PRO A 385 -4.63 -14.22 -20.16
N GLY A 386 -5.31 -13.12 -19.95
CA GLY A 386 -6.71 -13.08 -19.56
C GLY A 386 -7.62 -13.65 -20.65
N PHE A 387 -7.29 -13.45 -21.91
CA PHE A 387 -8.08 -14.03 -22.97
C PHE A 387 -8.01 -15.55 -22.91
N HIS A 388 -6.80 -16.09 -22.69
CA HIS A 388 -6.71 -17.52 -22.61
C HIS A 388 -7.53 -18.03 -21.42
N GLU A 389 -7.51 -17.34 -20.28
CA GLU A 389 -8.33 -17.74 -19.14
C GLU A 389 -9.86 -17.62 -19.39
N ALA A 390 -10.32 -16.91 -20.39
CA ALA A 390 -11.75 -16.57 -20.45
C ALA A 390 -12.53 -17.52 -21.38
N ILE A 391 -11.84 -18.20 -22.31
CA ILE A 391 -12.49 -18.99 -23.36
C ILE A 391 -13.44 -20.04 -22.78
N GLY A 392 -12.93 -20.88 -21.90
CA GLY A 392 -13.73 -21.95 -21.37
C GLY A 392 -14.88 -21.49 -20.48
N ASP A 393 -14.58 -20.43 -19.70
CA ASP A 393 -15.53 -19.75 -18.83
C ASP A 393 -16.76 -19.25 -19.60
N VAL A 394 -16.56 -18.71 -20.80
CA VAL A 394 -17.61 -18.19 -21.66
C VAL A 394 -18.57 -19.32 -22.03
N LEU A 395 -18.07 -20.47 -22.48
CA LEU A 395 -18.95 -21.57 -22.82
C LEU A 395 -19.67 -22.01 -21.53
N ALA A 396 -18.94 -22.06 -20.41
CA ALA A 396 -19.55 -22.51 -19.16
C ALA A 396 -20.69 -21.61 -18.70
N LEU A 397 -20.66 -20.33 -19.11
CA LEU A 397 -21.77 -19.44 -18.83
C LEU A 397 -23.04 -19.96 -19.48
N SER A 398 -22.93 -20.48 -20.69
CA SER A 398 -24.09 -20.99 -21.42
C SER A 398 -24.51 -22.32 -20.80
N VAL A 399 -23.55 -23.18 -20.48
CA VAL A 399 -23.83 -24.51 -19.94
C VAL A 399 -24.59 -24.44 -18.62
N SER A 400 -24.26 -23.44 -17.78
N SER A 400 -24.28 -23.45 -17.77
CA SER A 400 -24.80 -23.29 -16.44
CA SER A 400 -24.85 -23.38 -16.43
C SER A 400 -26.27 -22.89 -16.44
C SER A 400 -26.30 -22.91 -16.44
N THR A 401 -26.79 -22.40 -17.57
CA THR A 401 -28.17 -21.89 -17.60
C THR A 401 -29.15 -23.04 -17.39
N PRO A 402 -30.28 -22.80 -16.68
CA PRO A 402 -31.31 -23.81 -16.51
C PRO A 402 -31.80 -24.43 -17.80
N GLU A 403 -31.98 -23.60 -18.83
CA GLU A 403 -32.38 -24.14 -20.12
C GLU A 403 -31.33 -25.15 -20.66
N HIS A 404 -30.05 -24.78 -20.63
CA HIS A 404 -29.05 -25.69 -21.15
C HIS A 404 -28.99 -26.98 -20.33
N LEU A 405 -29.10 -26.86 -19.00
CA LEU A 405 -29.00 -28.00 -18.12
C LEU A 405 -30.15 -28.94 -18.40
N HIS A 406 -31.32 -28.37 -18.73
CA HIS A 406 -32.46 -29.18 -19.10
C HIS A 406 -32.14 -29.96 -20.36
N LYS A 407 -31.48 -29.30 -21.31
CA LYS A 407 -31.24 -29.92 -22.60
C LYS A 407 -30.28 -31.09 -22.43
N ILE A 408 -29.36 -31.06 -21.45
CA ILE A 408 -28.43 -32.17 -21.28
C ILE A 408 -28.85 -33.12 -20.14
N GLY A 409 -30.11 -33.08 -19.72
CA GLY A 409 -30.71 -34.08 -18.83
C GLY A 409 -30.34 -33.93 -17.35
N LEU A 410 -29.87 -32.76 -16.93
CA LEU A 410 -29.49 -32.51 -15.54
C LEU A 410 -30.50 -31.67 -14.74
N LEU A 411 -31.60 -31.28 -15.36
CA LEU A 411 -32.48 -30.36 -14.71
C LEU A 411 -33.82 -30.58 -15.36
N ASP A 412 -34.57 -31.44 -14.70
CA ASP A 412 -35.84 -31.94 -15.21
C ASP A 412 -36.84 -30.79 -15.23
N ARG A 413 -36.95 -30.02 -14.16
CA ARG A 413 -37.97 -28.97 -14.13
C ARG A 413 -37.44 -27.72 -14.84
N VAL A 414 -38.32 -27.04 -15.56
CA VAL A 414 -38.08 -25.76 -16.21
C VAL A 414 -38.95 -24.68 -15.55
N THR A 415 -38.46 -23.46 -15.35
CA THR A 415 -39.31 -22.40 -14.81
C THR A 415 -38.78 -21.09 -15.40
N ASN A 416 -39.61 -20.10 -15.69
CA ASN A 416 -39.03 -18.84 -16.10
C ASN A 416 -39.67 -17.70 -15.32
N ASP A 417 -39.32 -17.50 -14.05
CA ASP A 417 -40.03 -16.53 -13.22
C ASP A 417 -38.99 -15.72 -12.48
N THR A 418 -39.41 -14.65 -11.81
CA THR A 418 -38.46 -13.72 -11.23
C THR A 418 -37.66 -14.41 -10.10
N GLU A 419 -38.27 -15.36 -9.39
CA GLU A 419 -37.58 -16.03 -8.28
C GLU A 419 -36.49 -16.98 -8.75
N SER A 420 -36.79 -17.76 -9.79
CA SER A 420 -35.82 -18.67 -10.38
C SER A 420 -34.64 -17.87 -10.90
N ASP A 421 -34.93 -16.68 -11.48
CA ASP A 421 -33.89 -15.82 -12.02
C ASP A 421 -32.98 -15.30 -10.94
N ILE A 422 -33.55 -14.88 -9.82
CA ILE A 422 -32.74 -14.41 -8.70
C ILE A 422 -31.89 -15.57 -8.17
N ASN A 423 -32.48 -16.77 -8.06
CA ASN A 423 -31.73 -17.92 -7.56
C ASN A 423 -30.52 -18.11 -8.46
N TYR A 424 -30.75 -18.11 -9.77
CA TYR A 424 -29.66 -18.39 -10.72
C TYR A 424 -28.58 -17.32 -10.65
N LEU A 425 -28.99 -16.06 -10.62
CA LEU A 425 -27.99 -14.99 -10.62
C LEU A 425 -27.20 -14.96 -9.30
N LEU A 426 -27.86 -15.38 -8.21
CA LEU A 426 -27.16 -15.47 -6.94
C LEU A 426 -26.11 -16.58 -7.00
N LYS A 427 -26.51 -17.74 -7.53
CA LYS A 427 -25.54 -18.82 -7.65
C LYS A 427 -24.33 -18.33 -8.44
N MET A 428 -24.60 -17.68 -9.58
CA MET A 428 -23.54 -17.19 -10.44
C MET A 428 -22.74 -16.08 -9.75
N ALA A 429 -23.36 -15.24 -8.92
CA ALA A 429 -22.61 -14.24 -8.18
C ALA A 429 -21.67 -14.90 -7.16
N LEU A 430 -22.12 -16.00 -6.56
CA LEU A 430 -21.28 -16.73 -5.60
C LEU A 430 -19.96 -17.21 -6.28
N GLU A 431 -20.07 -17.55 -7.56
CA GLU A 431 -18.95 -18.06 -8.33
C GLU A 431 -18.11 -16.93 -8.93
N LYS A 432 -18.71 -15.87 -9.48
CA LYS A 432 -18.05 -14.81 -10.24
C LYS A 432 -17.81 -13.54 -9.43
N ILE A 433 -18.82 -13.01 -8.73
CA ILE A 433 -18.60 -11.77 -8.02
C ILE A 433 -17.70 -12.01 -6.82
N ALA A 434 -17.98 -13.09 -6.04
CA ALA A 434 -17.17 -13.34 -4.86
C ALA A 434 -15.67 -13.46 -5.16
N PHE A 435 -15.30 -13.90 -6.34
CA PHE A 435 -13.93 -14.11 -6.74
C PHE A 435 -13.23 -12.80 -7.03
N LEU A 436 -13.95 -11.74 -7.49
CA LEU A 436 -13.35 -10.51 -7.95
C LEU A 436 -12.29 -9.99 -6.97
N PRO A 437 -12.56 -9.76 -5.67
CA PRO A 437 -11.52 -9.28 -4.75
C PRO A 437 -10.30 -10.17 -4.70
N PHE A 438 -10.48 -11.49 -4.70
CA PHE A 438 -9.33 -12.38 -4.58
C PHE A 438 -8.49 -12.32 -5.86
N GLY A 439 -9.16 -12.33 -7.00
CA GLY A 439 -8.58 -12.19 -8.32
C GLY A 439 -7.69 -10.96 -8.41
N TYR A 440 -8.18 -9.85 -7.81
CA TYR A 440 -7.44 -8.62 -7.85
C TYR A 440 -6.26 -8.61 -6.87
N LEU A 441 -6.43 -9.17 -5.66
CA LEU A 441 -5.48 -8.95 -4.59
C LEU A 441 -4.21 -9.79 -4.71
N VAL A 442 -4.27 -11.00 -5.25
CA VAL A 442 -3.12 -11.90 -5.21
C VAL A 442 -1.87 -11.25 -5.77
N ASP A 443 -1.94 -10.69 -6.96
CA ASP A 443 -0.80 -10.07 -7.59
C ASP A 443 -0.50 -8.69 -7.03
N GLN A 444 -1.45 -7.99 -6.41
CA GLN A 444 -1.07 -6.85 -5.60
C GLN A 444 -0.07 -7.28 -4.52
N TRP A 445 -0.34 -8.43 -3.89
CA TRP A 445 0.58 -8.98 -2.90
C TRP A 445 1.94 -9.27 -3.54
N ARG A 446 1.90 -10.02 -4.65
CA ARG A 446 3.13 -10.45 -5.31
C ARG A 446 3.90 -9.29 -5.91
N TRP A 447 3.22 -8.30 -6.52
CA TRP A 447 3.92 -7.13 -7.01
C TRP A 447 4.68 -6.41 -5.91
N GLY A 448 4.11 -6.37 -4.68
CA GLY A 448 4.76 -5.72 -3.56
C GLY A 448 5.97 -6.52 -3.09
N VAL A 449 5.87 -7.82 -3.16
CA VAL A 449 6.96 -8.67 -2.79
C VAL A 449 8.09 -8.47 -3.81
N PHE A 450 7.78 -8.51 -5.12
CA PHE A 450 8.83 -8.37 -6.11
C PHE A 450 9.49 -7.01 -6.05
N SER A 451 8.72 -5.96 -5.81
CA SER A 451 9.29 -4.63 -5.80
C SER A 451 10.09 -4.39 -4.51
N GLY A 452 9.97 -5.26 -3.50
CA GLY A 452 10.63 -4.96 -2.24
C GLY A 452 9.76 -4.16 -1.25
N ARG A 453 8.54 -3.75 -1.61
CA ARG A 453 7.66 -3.07 -0.64
C ARG A 453 7.23 -3.99 0.52
N THR A 454 7.08 -5.30 0.24
CA THR A 454 6.75 -6.35 1.19
C THR A 454 7.99 -7.28 1.28
N PRO A 455 8.88 -7.02 2.27
CA PRO A 455 9.98 -7.92 2.59
C PRO A 455 9.51 -9.16 3.31
N PRO A 456 10.35 -10.22 3.39
CA PRO A 456 9.95 -11.44 4.12
C PRO A 456 9.29 -11.18 5.48
N SER A 457 9.80 -10.17 6.20
CA SER A 457 9.32 -9.81 7.52
C SER A 457 7.86 -9.31 7.53
N ARG A 458 7.25 -9.08 6.37
CA ARG A 458 5.85 -8.69 6.34
C ARG A 458 5.03 -9.49 5.33
N TYR A 459 5.53 -10.66 4.91
CA TYR A 459 4.80 -11.45 3.90
C TYR A 459 3.36 -11.73 4.35
N ASN A 460 3.16 -12.16 5.60
CA ASN A 460 1.86 -12.58 6.10
C ASN A 460 1.03 -11.38 6.58
N PHE A 461 1.70 -10.41 7.20
CA PHE A 461 1.04 -9.16 7.55
C PHE A 461 0.41 -8.50 6.31
N ASP A 462 1.13 -8.41 5.21
CA ASP A 462 0.63 -7.74 4.03
C ASP A 462 -0.43 -8.60 3.34
N TRP A 463 -0.25 -9.91 3.37
CA TRP A 463 -1.23 -10.82 2.82
C TRP A 463 -2.58 -10.61 3.47
N TRP A 464 -2.58 -10.69 4.83
CA TRP A 464 -3.83 -10.55 5.54
C TRP A 464 -4.38 -9.12 5.47
N TYR A 465 -3.51 -8.11 5.32
CA TYR A 465 -4.00 -6.77 5.10
C TYR A 465 -4.89 -6.76 3.84
N LEU A 466 -4.38 -7.34 2.77
CA LEU A 466 -5.05 -7.36 1.48
C LEU A 466 -6.31 -8.24 1.55
N ARG A 467 -6.24 -9.38 2.26
CA ARG A 467 -7.36 -10.29 2.33
C ARG A 467 -8.55 -9.62 3.04
N THR A 468 -8.25 -8.90 4.13
CA THR A 468 -9.26 -8.19 4.84
C THR A 468 -9.71 -7.02 3.97
N LYS A 469 -8.77 -6.24 3.46
CA LYS A 469 -9.12 -5.04 2.72
C LYS A 469 -10.10 -5.36 1.60
N TYR A 470 -9.84 -6.43 0.82
CA TYR A 470 -10.64 -6.68 -0.38
C TYR A 470 -11.76 -7.69 -0.11
N GLN A 471 -11.43 -8.85 0.48
CA GLN A 471 -12.44 -9.87 0.63
C GLN A 471 -13.29 -9.72 1.89
N GLY A 472 -12.82 -8.96 2.89
CA GLY A 472 -13.60 -8.84 4.10
C GLY A 472 -13.68 -10.18 4.83
N ILE A 473 -12.56 -10.90 4.84
CA ILE A 473 -12.34 -12.08 5.66
C ILE A 473 -11.18 -11.88 6.62
N CYS A 474 -11.19 -12.78 7.61
CA CYS A 474 -10.17 -12.85 8.66
C CYS A 474 -9.73 -14.31 8.84
N PRO A 475 -8.49 -14.59 9.30
CA PRO A 475 -8.06 -15.93 9.61
C PRO A 475 -8.72 -16.40 10.89
N PRO A 476 -9.21 -17.64 10.94
CA PRO A 476 -9.98 -18.12 12.09
C PRO A 476 -9.14 -18.54 13.28
N VAL A 477 -7.80 -18.59 13.11
CA VAL A 477 -6.85 -18.72 14.20
C VAL A 477 -5.79 -17.65 13.98
N THR A 478 -5.06 -17.35 15.06
CA THR A 478 -4.01 -16.34 15.04
C THR A 478 -2.92 -16.75 14.05
N ARG A 479 -2.43 -15.77 13.30
CA ARG A 479 -1.31 -16.04 12.41
C ARG A 479 -0.20 -15.13 12.80
N ASN A 480 1.06 -15.51 12.47
CA ASN A 480 2.18 -14.64 12.70
C ASN A 480 3.14 -14.81 11.53
N GLU A 481 4.31 -14.17 11.59
CA GLU A 481 5.15 -14.20 10.42
C GLU A 481 5.93 -15.51 10.24
N THR A 482 5.75 -16.51 11.11
N THR A 482 5.76 -16.52 11.11
CA THR A 482 6.27 -17.84 10.82
CA THR A 482 6.27 -17.86 10.79
C THR A 482 5.31 -18.51 9.82
C THR A 482 5.31 -18.49 9.78
N HIS A 483 4.02 -18.15 9.86
CA HIS A 483 3.08 -18.54 8.82
C HIS A 483 3.31 -17.81 7.49
N PHE A 484 3.00 -18.50 6.38
CA PHE A 484 3.24 -18.00 5.03
C PHE A 484 2.01 -18.43 4.23
N ASP A 485 0.87 -17.77 4.54
CA ASP A 485 -0.44 -18.19 4.09
C ASP A 485 -0.59 -18.03 2.58
N ALA A 486 0.04 -17.00 1.99
CA ALA A 486 0.09 -16.90 0.53
C ALA A 486 0.69 -18.16 -0.10
N GLY A 487 1.62 -18.81 0.58
CA GLY A 487 2.26 -19.97 -0.02
C GLY A 487 1.34 -21.18 -0.04
N ALA A 488 0.20 -21.10 0.65
CA ALA A 488 -0.78 -22.20 0.62
C ALA A 488 -1.77 -22.12 -0.52
N LYS A 489 -1.53 -21.18 -1.42
CA LYS A 489 -2.27 -21.11 -2.66
C LYS A 489 -1.36 -21.51 -3.83
N PHE A 490 -1.82 -22.45 -4.66
CA PHE A 490 -1.04 -23.09 -5.70
C PHE A 490 -0.18 -22.13 -6.54
N HIS A 491 -0.74 -21.03 -7.02
CA HIS A 491 -0.08 -20.19 -8.00
C HIS A 491 1.18 -19.46 -7.46
N VAL A 492 1.31 -19.37 -6.13
CA VAL A 492 2.46 -18.71 -5.52
C VAL A 492 3.70 -19.60 -5.62
N PRO A 493 3.75 -20.80 -5.01
CA PRO A 493 4.84 -21.72 -5.22
C PRO A 493 5.06 -22.15 -6.68
N ASN A 494 3.98 -22.20 -7.49
N ASN A 494 3.99 -22.16 -7.47
CA ASN A 494 4.13 -22.63 -8.87
CA ASN A 494 4.08 -22.59 -8.84
C ASN A 494 4.38 -21.43 -9.79
C ASN A 494 4.53 -21.45 -9.76
N VAL A 495 4.66 -20.26 -9.20
CA VAL A 495 5.02 -19.09 -9.96
C VAL A 495 4.14 -18.86 -11.19
N THR A 496 2.82 -18.80 -11.00
CA THR A 496 1.87 -18.59 -12.08
C THR A 496 1.22 -17.27 -11.78
N PRO A 497 1.21 -16.26 -12.66
CA PRO A 497 0.55 -15.00 -12.36
C PRO A 497 -0.96 -15.16 -12.21
N TYR A 498 -1.61 -14.17 -11.52
CA TYR A 498 -2.97 -14.27 -11.07
C TYR A 498 -3.87 -13.22 -11.68
N ILE A 499 -3.35 -12.04 -12.04
CA ILE A 499 -4.20 -10.92 -12.44
C ILE A 499 -4.96 -11.29 -13.72
N ARG A 500 -4.44 -12.23 -14.51
CA ARG A 500 -5.18 -12.82 -15.63
C ARG A 500 -6.60 -13.26 -15.28
N TYR A 501 -6.83 -13.74 -14.04
CA TYR A 501 -8.11 -14.29 -13.68
C TYR A 501 -9.10 -13.16 -13.39
N PHE A 502 -8.63 -12.07 -12.82
CA PHE A 502 -9.46 -10.90 -12.64
C PHE A 502 -9.86 -10.32 -14.00
N VAL A 503 -8.87 -10.18 -14.90
CA VAL A 503 -9.08 -9.72 -16.26
C VAL A 503 -10.10 -10.65 -16.94
N SER A 504 -9.89 -11.96 -16.77
CA SER A 504 -10.76 -12.95 -17.35
C SER A 504 -12.21 -12.79 -16.86
N PHE A 505 -12.42 -12.48 -15.60
CA PHE A 505 -13.76 -12.42 -15.00
C PHE A 505 -14.54 -11.21 -15.50
N VAL A 506 -13.84 -10.17 -15.94
CA VAL A 506 -14.45 -9.07 -16.63
C VAL A 506 -14.66 -9.39 -18.09
N LEU A 507 -13.56 -9.83 -18.76
CA LEU A 507 -13.58 -10.09 -20.18
C LEU A 507 -14.67 -11.13 -20.58
N GLN A 508 -14.82 -12.17 -19.80
CA GLN A 508 -15.73 -13.21 -20.21
C GLN A 508 -17.16 -12.67 -20.42
N PHE A 509 -17.55 -11.60 -19.69
CA PHE A 509 -18.90 -11.09 -19.83
C PHE A 509 -18.96 -10.24 -21.08
N GLN A 510 -17.84 -9.60 -21.47
CA GLN A 510 -17.84 -8.86 -22.72
C GLN A 510 -17.98 -9.86 -23.87
N PHE A 511 -17.25 -10.97 -23.77
CA PHE A 511 -17.30 -11.95 -24.84
C PHE A 511 -18.70 -12.58 -24.95
N HIS A 512 -19.25 -12.94 -23.82
CA HIS A 512 -20.58 -13.54 -23.73
C HIS A 512 -21.58 -12.67 -24.43
N GLU A 513 -21.59 -11.38 -24.06
CA GLU A 513 -22.51 -10.45 -24.69
C GLU A 513 -22.31 -10.44 -26.21
N ALA A 514 -21.07 -10.38 -26.65
CA ALA A 514 -20.81 -10.36 -28.08
C ALA A 514 -21.26 -11.66 -28.77
N LEU A 515 -20.94 -12.79 -28.18
CA LEU A 515 -21.29 -14.05 -28.84
C LEU A 515 -22.80 -14.26 -28.85
N CYS A 516 -23.50 -13.89 -27.79
CA CYS A 516 -24.96 -13.87 -27.74
C CYS A 516 -25.60 -13.01 -28.83
N LYS A 517 -25.10 -11.80 -29.05
CA LYS A 517 -25.64 -10.97 -30.10
C LYS A 517 -25.34 -11.62 -31.46
N GLU A 518 -24.15 -12.20 -31.65
CA GLU A 518 -23.78 -12.81 -32.92
C GLU A 518 -24.68 -14.01 -33.19
N ALA A 519 -25.08 -14.71 -32.14
CA ALA A 519 -25.91 -15.90 -32.24
C ALA A 519 -27.33 -15.53 -32.63
N GLY A 520 -27.72 -14.27 -32.55
CA GLY A 520 -29.09 -13.86 -32.83
C GLY A 520 -29.99 -13.92 -31.60
N TYR A 521 -29.42 -14.09 -30.41
CA TYR A 521 -30.22 -14.13 -29.19
C TYR A 521 -30.72 -12.72 -28.79
N GLU A 522 -31.96 -12.64 -28.29
CA GLU A 522 -32.61 -11.37 -28.04
C GLU A 522 -33.33 -11.30 -26.68
N GLY A 523 -33.05 -12.22 -25.75
CA GLY A 523 -33.60 -12.20 -24.41
C GLY A 523 -32.60 -11.66 -23.40
N PRO A 524 -32.88 -11.76 -22.09
CA PRO A 524 -31.94 -11.38 -21.05
C PRO A 524 -30.56 -12.01 -21.23
N LEU A 525 -29.50 -11.24 -21.00
CA LEU A 525 -28.15 -11.73 -21.25
C LEU A 525 -27.83 -12.99 -20.43
N HIS A 526 -28.31 -13.10 -19.21
CA HIS A 526 -27.99 -14.21 -18.33
C HIS A 526 -28.77 -15.50 -18.69
N GLN A 527 -29.70 -15.45 -19.64
CA GLN A 527 -30.43 -16.63 -20.08
C GLN A 527 -29.93 -17.05 -21.47
N CYS A 528 -28.93 -16.38 -22.01
CA CYS A 528 -28.44 -16.75 -23.31
C CYS A 528 -27.72 -18.10 -23.26
N ASP A 529 -27.93 -18.90 -24.30
CA ASP A 529 -27.18 -20.14 -24.49
C ASP A 529 -26.73 -20.15 -25.95
N ILE A 530 -25.42 -20.12 -26.21
CA ILE A 530 -24.90 -20.08 -27.58
C ILE A 530 -24.69 -21.49 -28.15
N TYR A 531 -25.03 -22.55 -27.39
CA TYR A 531 -25.03 -23.92 -27.91
C TYR A 531 -25.58 -23.98 -29.31
N ARG A 532 -24.80 -24.67 -30.15
CA ARG A 532 -25.12 -24.95 -31.54
C ARG A 532 -25.12 -23.71 -32.44
N SER A 533 -24.62 -22.56 -31.97
CA SER A 533 -24.57 -21.38 -32.83
C SER A 533 -23.26 -21.39 -33.60
N THR A 534 -23.32 -21.71 -34.89
CA THR A 534 -22.13 -21.77 -35.72
C THR A 534 -21.62 -20.35 -36.04
N LYS A 535 -22.50 -19.35 -36.03
CA LYS A 535 -22.06 -17.95 -36.10
C LYS A 535 -21.19 -17.54 -34.90
N ALA A 536 -21.71 -17.73 -33.66
CA ALA A 536 -20.90 -17.53 -32.47
C ALA A 536 -19.57 -18.24 -32.58
N GLY A 537 -19.62 -19.47 -33.08
CA GLY A 537 -18.46 -20.31 -33.27
C GLY A 537 -17.37 -19.62 -34.12
N ALA A 538 -17.77 -19.10 -35.26
CA ALA A 538 -16.90 -18.45 -36.21
C ALA A 538 -16.28 -17.21 -35.57
N LYS A 539 -17.09 -16.43 -34.83
CA LYS A 539 -16.54 -15.25 -34.19
C LYS A 539 -15.48 -15.61 -33.13
N LEU A 540 -15.75 -16.62 -32.28
CA LEU A 540 -14.76 -17.05 -31.32
C LEU A 540 -13.52 -17.61 -32.02
N ARG A 541 -13.74 -18.27 -33.15
CA ARG A 541 -12.65 -18.94 -33.83
C ARG A 541 -11.61 -17.90 -34.27
N LYS A 542 -12.06 -16.73 -34.75
CA LYS A 542 -11.15 -15.67 -35.19
C LYS A 542 -10.24 -15.22 -34.04
N VAL A 543 -10.77 -15.06 -32.84
CA VAL A 543 -9.91 -14.77 -31.71
C VAL A 543 -8.87 -15.87 -31.49
N LEU A 544 -9.32 -17.13 -31.43
CA LEU A 544 -8.42 -18.22 -31.01
C LEU A 544 -7.28 -18.39 -32.02
N ARG A 545 -7.63 -18.24 -33.29
CA ARG A 545 -6.66 -18.34 -34.38
C ARG A 545 -5.60 -17.23 -34.38
N ALA A 546 -5.89 -16.06 -33.74
CA ALA A 546 -4.98 -14.93 -33.82
C ALA A 546 -3.80 -15.13 -32.88
N GLY A 547 -3.92 -15.95 -31.83
CA GLY A 547 -2.84 -16.10 -30.89
C GLY A 547 -2.43 -14.71 -30.39
N SER A 548 -1.11 -14.52 -30.15
CA SER A 548 -0.55 -13.24 -29.76
C SER A 548 0.04 -12.52 -30.95
N SER A 549 -0.53 -12.74 -32.12
CA SER A 549 0.05 -12.22 -33.34
C SER A 549 -0.30 -10.75 -33.53
N ARG A 550 -1.32 -10.26 -32.82
CA ARG A 550 -1.84 -8.90 -32.92
C ARG A 550 -2.16 -8.29 -31.54
N PRO A 551 -2.10 -6.95 -31.38
CA PRO A 551 -2.41 -6.36 -30.08
C PRO A 551 -3.80 -6.76 -29.57
N TRP A 552 -3.86 -7.09 -28.28
CA TRP A 552 -5.10 -7.60 -27.72
C TRP A 552 -6.22 -6.55 -27.84
N GLN A 553 -5.88 -5.26 -27.79
CA GLN A 553 -6.88 -4.20 -27.88
C GLN A 553 -7.65 -4.25 -29.21
N GLU A 554 -6.91 -4.52 -30.31
CA GLU A 554 -7.50 -4.67 -31.61
C GLU A 554 -8.26 -5.98 -31.78
N VAL A 555 -7.80 -7.08 -31.20
CA VAL A 555 -8.51 -8.33 -31.26
C VAL A 555 -9.85 -8.20 -30.55
N LEU A 556 -9.84 -7.53 -29.37
CA LEU A 556 -11.03 -7.26 -28.58
C LEU A 556 -12.01 -6.41 -29.38
N LYS A 557 -11.51 -5.30 -29.93
CA LYS A 557 -12.35 -4.43 -30.75
C LYS A 557 -13.03 -5.17 -31.92
N ASP A 558 -12.32 -6.04 -32.64
CA ASP A 558 -12.95 -6.80 -33.69
C ASP A 558 -14.02 -7.70 -33.09
N MET A 559 -13.80 -8.25 -31.88
CA MET A 559 -14.73 -9.22 -31.36
C MET A 559 -15.96 -8.51 -30.77
N VAL A 560 -15.75 -7.52 -29.93
CA VAL A 560 -16.84 -7.02 -29.11
C VAL A 560 -17.16 -5.59 -29.45
N GLY A 561 -16.33 -4.96 -30.30
CA GLY A 561 -16.56 -3.59 -30.80
C GLY A 561 -16.00 -2.49 -29.89
N LEU A 562 -15.16 -2.84 -28.91
CA LEU A 562 -14.55 -1.91 -27.99
C LEU A 562 -13.13 -2.36 -27.77
N ASP A 563 -12.20 -1.45 -27.47
CA ASP A 563 -10.79 -1.78 -27.47
C ASP A 563 -10.23 -1.83 -26.04
N ALA A 564 -11.09 -2.00 -25.05
CA ALA A 564 -10.71 -1.94 -23.64
C ALA A 564 -11.55 -2.88 -22.77
N LEU A 565 -11.02 -3.37 -21.69
CA LEU A 565 -11.79 -3.95 -20.60
C LEU A 565 -12.92 -3.01 -20.15
N ASP A 566 -14.10 -3.57 -19.95
CA ASP A 566 -15.29 -2.83 -19.57
C ASP A 566 -16.16 -3.74 -18.68
N ALA A 567 -16.53 -3.20 -17.51
CA ALA A 567 -17.39 -3.84 -16.53
C ALA A 567 -18.88 -3.82 -16.91
N GLN A 568 -19.28 -2.95 -17.84
CA GLN A 568 -20.68 -2.85 -18.17
C GLN A 568 -21.35 -4.19 -18.51
N PRO A 569 -20.79 -5.10 -19.34
CA PRO A 569 -21.46 -6.35 -19.63
C PRO A 569 -21.69 -7.19 -18.37
N LEU A 570 -20.70 -7.25 -17.50
CA LEU A 570 -20.87 -7.97 -16.22
C LEU A 570 -22.00 -7.34 -15.42
N LEU A 571 -22.01 -6.00 -15.32
CA LEU A 571 -23.03 -5.33 -14.53
C LEU A 571 -24.42 -5.64 -15.07
N LYS A 572 -24.56 -5.61 -16.37
CA LYS A 572 -25.78 -5.96 -17.05
C LYS A 572 -26.25 -7.39 -16.81
N TYR A 573 -25.35 -8.35 -16.96
CA TYR A 573 -25.69 -9.74 -16.65
C TYR A 573 -26.33 -9.86 -15.25
N PHE A 574 -25.76 -9.18 -14.27
CA PHE A 574 -26.11 -9.34 -12.89
C PHE A 574 -27.18 -8.35 -12.41
N GLN A 575 -27.60 -7.38 -13.23
CA GLN A 575 -28.36 -6.23 -12.74
C GLN A 575 -29.55 -6.59 -11.81
N LEU A 576 -30.35 -7.62 -12.13
CA LEU A 576 -31.50 -8.02 -11.32
C LEU A 576 -31.10 -8.40 -9.89
N VAL A 577 -30.01 -9.14 -9.71
CA VAL A 577 -29.63 -9.64 -8.39
C VAL A 577 -28.87 -8.52 -7.64
N THR A 578 -28.19 -7.65 -8.40
CA THR A 578 -27.53 -6.52 -7.80
C THR A 578 -28.60 -5.68 -7.11
N GLN A 579 -29.67 -5.43 -7.85
CA GLN A 579 -30.77 -4.63 -7.31
C GLN A 579 -31.45 -5.38 -6.17
N TRP A 580 -31.66 -6.67 -6.31
CA TRP A 580 -32.35 -7.43 -5.27
C TRP A 580 -31.52 -7.48 -3.98
N LEU A 581 -30.21 -7.70 -4.08
CA LEU A 581 -29.36 -7.84 -2.90
C LEU A 581 -29.31 -6.52 -2.14
N GLN A 582 -29.20 -5.40 -2.88
CA GLN A 582 -29.26 -4.08 -2.28
C GLN A 582 -30.51 -3.95 -1.42
N GLU A 583 -31.67 -4.22 -2.01
CA GLU A 583 -32.95 -4.10 -1.34
C GLU A 583 -33.00 -5.04 -0.14
N GLN A 584 -32.63 -6.30 -0.31
CA GLN A 584 -32.64 -7.18 0.86
C GLN A 584 -31.77 -6.61 1.98
N ASN A 585 -30.53 -6.17 1.68
CA ASN A 585 -29.62 -5.75 2.73
C ASN A 585 -30.16 -4.52 3.49
N GLN A 586 -30.78 -3.57 2.77
CA GLN A 586 -31.37 -2.40 3.42
C GLN A 586 -32.51 -2.81 4.32
N GLN A 587 -33.43 -3.61 3.80
CA GLN A 587 -34.55 -4.05 4.61
C GLN A 587 -34.08 -4.85 5.82
N ASN A 588 -32.97 -5.60 5.72
CA ASN A 588 -32.48 -6.31 6.90
C ASN A 588 -31.66 -5.38 7.78
N GLY A 589 -31.42 -4.11 7.39
CA GLY A 589 -30.56 -3.20 8.17
C GLY A 589 -29.07 -3.59 8.22
N GLU A 590 -28.53 -4.18 7.17
CA GLU A 590 -27.17 -4.70 7.27
C GLU A 590 -26.18 -3.56 7.30
N VAL A 591 -24.98 -3.79 7.86
CA VAL A 591 -23.88 -2.87 7.61
C VAL A 591 -23.11 -3.40 6.41
N LEU A 592 -22.91 -2.58 5.39
CA LEU A 592 -22.11 -2.95 4.25
C LEU A 592 -20.66 -2.76 4.67
N GLY A 593 -19.79 -3.70 4.35
CA GLY A 593 -18.42 -3.61 4.83
C GLY A 593 -18.25 -4.29 6.18
N TRP A 594 -17.07 -4.04 6.75
CA TRP A 594 -16.63 -4.73 7.95
C TRP A 594 -15.89 -3.71 8.81
N PRO A 595 -16.64 -2.75 9.40
CA PRO A 595 -16.01 -1.70 10.17
C PRO A 595 -15.29 -2.19 11.43
N GLU A 596 -15.66 -3.39 11.95
CA GLU A 596 -14.91 -4.00 13.03
C GLU A 596 -13.77 -4.81 12.45
N TYR A 597 -12.80 -4.14 11.83
CA TYR A 597 -11.75 -4.72 11.03
C TYR A 597 -10.77 -5.58 11.85
N GLN A 598 -10.67 -5.34 13.14
CA GLN A 598 -9.78 -6.10 14.00
C GLN A 598 -10.40 -7.42 14.49
N TRP A 599 -11.68 -7.63 14.25
CA TRP A 599 -12.35 -8.76 14.89
C TRP A 599 -11.88 -10.09 14.29
N HIS A 600 -11.64 -11.04 15.21
CA HIS A 600 -11.39 -12.43 14.87
C HIS A 600 -12.25 -13.35 15.74
N PRO A 601 -12.71 -14.51 15.23
CA PRO A 601 -13.62 -15.35 16.01
C PRO A 601 -12.85 -16.03 17.13
N PRO A 602 -13.50 -16.55 18.19
CA PRO A 602 -12.77 -17.33 19.18
C PRO A 602 -12.49 -18.74 18.66
N LEU A 603 -11.59 -19.46 19.37
CA LEU A 603 -11.40 -20.90 19.15
C LEU A 603 -12.61 -21.66 19.67
N PRO A 604 -13.07 -22.75 19.01
CA PRO A 604 -14.15 -23.56 19.59
C PRO A 604 -13.73 -24.20 20.92
N ASP A 605 -14.68 -24.58 21.81
CA ASP A 605 -14.26 -24.92 23.16
C ASP A 605 -13.31 -26.13 23.21
N ASN A 606 -13.51 -27.19 22.42
CA ASN A 606 -12.71 -28.38 22.66
C ASN A 606 -11.77 -28.60 21.47
N TYR A 607 -10.96 -27.58 21.21
CA TYR A 607 -10.28 -27.52 19.93
C TYR A 607 -8.77 -27.61 20.16
N PRO A 608 -8.03 -28.42 19.37
CA PRO A 608 -8.64 -29.36 18.41
C PRO A 608 -8.98 -30.76 18.92
N GLU A 609 -9.08 -30.99 20.24
CA GLU A 609 -8.85 -32.29 20.89
C GLU A 609 -9.93 -33.36 20.59
N LEU B 1 -13.25 42.09 -2.08
CA LEU B 1 -11.93 42.78 -2.03
C LEU B 1 -12.06 44.30 -2.20
N ASP B 2 -10.97 45.03 -1.90
CA ASP B 2 -10.89 46.46 -2.15
C ASP B 2 -10.22 46.70 -3.52
N PRO B 3 -10.70 47.70 -4.29
CA PRO B 3 -10.11 48.07 -5.58
C PRO B 3 -8.60 48.20 -5.60
N GLY B 4 -8.04 48.91 -4.61
CA GLY B 4 -6.59 49.03 -4.42
C GLY B 4 -5.87 47.69 -4.26
N LEU B 5 -6.59 46.59 -4.07
CA LEU B 5 -5.99 45.27 -3.96
C LEU B 5 -6.13 44.45 -5.25
N GLN B 6 -6.99 44.91 -6.19
CA GLN B 6 -7.27 44.16 -7.40
C GLN B 6 -6.26 44.53 -8.48
N PRO B 7 -5.83 43.61 -9.37
CA PRO B 7 -4.59 43.78 -10.15
C PRO B 7 -4.58 44.87 -11.23
N GLY B 8 -3.39 45.42 -11.57
CA GLY B 8 -3.28 46.41 -12.63
C GLY B 8 -3.26 45.78 -14.02
N GLN B 9 -2.87 46.52 -15.04
CA GLN B 9 -2.61 45.90 -16.33
C GLN B 9 -1.10 45.81 -16.50
N PHE B 10 -0.64 44.81 -17.25
CA PHE B 10 0.78 44.54 -17.41
C PHE B 10 1.01 43.85 -18.75
N SER B 11 2.11 44.23 -19.40
CA SER B 11 2.49 43.65 -20.69
C SER B 11 2.82 42.17 -20.49
N ALA B 12 2.64 41.42 -21.61
CA ALA B 12 2.71 39.97 -21.64
C ALA B 12 4.11 39.49 -22.04
N ASP B 13 5.06 39.58 -21.11
CA ASP B 13 6.49 39.53 -21.40
C ASP B 13 7.19 39.68 -20.07
N GLU B 14 8.51 39.48 -20.05
CA GLU B 14 9.24 39.27 -18.80
C GLU B 14 9.29 40.55 -17.98
N ALA B 15 9.33 41.68 -18.70
CA ALA B 15 9.40 43.02 -18.12
C ALA B 15 8.09 43.35 -17.42
N GLY B 16 6.97 43.04 -18.09
CA GLY B 16 5.65 43.12 -17.48
C GLY B 16 5.57 42.27 -16.24
N ALA B 17 5.99 41.01 -16.39
CA ALA B 17 5.92 40.09 -15.26
C ALA B 17 6.77 40.55 -14.05
N GLN B 18 7.92 41.25 -14.25
CA GLN B 18 8.72 41.79 -13.13
C GLN B 18 7.91 42.85 -12.33
N LEU B 19 7.28 43.80 -13.07
CA LEU B 19 6.37 44.81 -12.52
C LEU B 19 5.18 44.10 -11.88
N PHE B 20 4.64 43.07 -12.55
CA PHE B 20 3.46 42.37 -12.08
C PHE B 20 3.75 41.82 -10.69
N ALA B 21 4.89 41.13 -10.58
CA ALA B 21 5.25 40.44 -9.34
C ALA B 21 5.45 41.48 -8.23
N GLN B 22 6.06 42.65 -8.54
CA GLN B 22 6.17 43.74 -7.56
C GLN B 22 4.78 44.25 -7.11
N SER B 23 3.91 44.53 -8.07
CA SER B 23 2.56 44.91 -7.73
C SER B 23 1.85 43.81 -6.91
N TYR B 24 2.04 42.53 -7.20
CA TYR B 24 1.46 41.44 -6.40
C TYR B 24 1.83 41.50 -4.90
N GLN B 25 3.15 41.62 -4.60
CA GLN B 25 3.69 41.47 -3.25
C GLN B 25 3.31 42.68 -2.37
N SER B 26 3.18 43.86 -2.98
CA SER B 26 2.75 45.02 -2.23
C SER B 26 1.37 44.73 -1.64
N SER B 27 0.51 44.14 -2.45
CA SER B 27 -0.88 44.04 -2.06
C SER B 27 -1.07 42.83 -1.14
N ALA B 28 -0.29 41.79 -1.39
CA ALA B 28 -0.41 40.55 -0.61
C ALA B 28 -0.03 40.72 0.87
N GLU B 29 0.86 41.64 1.24
CA GLU B 29 1.26 41.81 2.65
C GLU B 29 0.08 42.26 3.50
N GLN B 30 -0.75 43.11 2.92
CA GLN B 30 -1.89 43.69 3.63
C GLN B 30 -2.89 42.58 3.89
N VAL B 31 -2.99 41.68 2.89
CA VAL B 31 -4.04 40.68 2.88
C VAL B 31 -3.60 39.55 3.82
N LEU B 32 -2.33 39.13 3.73
CA LEU B 32 -1.77 38.15 4.65
C LEU B 32 -1.85 38.66 6.09
N PHE B 33 -1.46 39.91 6.33
CA PHE B 33 -1.58 40.48 7.67
C PHE B 33 -2.98 40.25 8.25
N GLN B 34 -4.06 40.66 7.60
CA GLN B 34 -5.38 40.65 8.26
C GLN B 34 -5.85 39.21 8.49
N SER B 35 -5.47 38.31 7.58
CA SER B 35 -5.69 36.85 7.72
C SER B 35 -5.01 36.28 9.00
N VAL B 36 -3.70 36.53 9.12
CA VAL B 36 -2.90 35.95 10.21
C VAL B 36 -3.38 36.60 11.51
N ALA B 37 -3.76 37.87 11.42
CA ALA B 37 -4.23 38.63 12.57
C ALA B 37 -5.48 38.00 13.15
N ALA B 38 -6.45 37.69 12.30
CA ALA B 38 -7.69 37.08 12.76
C ALA B 38 -7.42 35.64 13.26
N SER B 39 -6.53 34.94 12.56
CA SER B 39 -6.17 33.60 13.03
C SER B 39 -5.64 33.63 14.47
N TRP B 40 -4.80 34.64 14.76
CA TRP B 40 -4.19 34.81 16.08
C TRP B 40 -5.25 35.03 17.15
N ALA B 41 -6.14 35.96 16.83
CA ALA B 41 -7.21 36.35 17.74
C ALA B 41 -8.07 35.14 18.09
N HIS B 42 -8.37 34.31 17.09
CA HIS B 42 -9.03 33.04 17.35
C HIS B 42 -8.17 32.04 18.18
N ASP B 43 -6.91 31.77 17.77
CA ASP B 43 -6.18 30.68 18.44
C ASP B 43 -5.81 30.94 19.91
N THR B 44 -5.77 32.22 20.33
CA THR B 44 -5.45 32.60 21.70
C THR B 44 -6.72 32.90 22.46
N ASN B 45 -7.89 32.54 21.87
CA ASN B 45 -9.21 32.97 22.33
C ASN B 45 -10.30 32.35 21.42
N ILE B 46 -10.50 31.03 21.54
CA ILE B 46 -11.47 30.33 20.71
C ILE B 46 -12.88 30.68 21.19
N THR B 47 -13.56 31.53 20.39
CA THR B 47 -15.01 31.79 20.42
C THR B 47 -15.57 31.73 19.00
N ALA B 48 -16.91 31.79 18.94
CA ALA B 48 -17.63 31.77 17.69
C ALA B 48 -17.40 33.08 16.93
N GLU B 49 -17.25 34.19 17.65
CA GLU B 49 -17.05 35.48 17.01
C GLU B 49 -15.71 35.47 16.28
N ASN B 50 -14.72 34.93 17.01
CA ASN B 50 -13.36 34.94 16.53
C ASN B 50 -13.33 34.01 15.33
N ALA B 51 -14.04 32.87 15.41
CA ALA B 51 -14.16 31.95 14.29
C ALA B 51 -14.79 32.63 13.05
N ARG B 52 -15.89 33.36 13.27
CA ARG B 52 -16.58 34.08 12.20
C ARG B 52 -15.62 35.08 11.52
N ARG B 53 -14.81 35.81 12.32
CA ARG B 53 -13.87 36.80 11.83
C ARG B 53 -12.79 36.14 10.96
N GLN B 54 -12.35 34.97 11.41
CA GLN B 54 -11.26 34.27 10.76
C GLN B 54 -11.78 33.85 9.36
N GLU B 55 -13.03 33.38 9.33
CA GLU B 55 -13.73 32.93 8.12
C GLU B 55 -13.82 34.05 7.07
N GLU B 56 -14.17 35.26 7.54
CA GLU B 56 -14.27 36.41 6.67
C GLU B 56 -12.94 36.73 5.98
N ALA B 57 -11.85 36.62 6.80
CA ALA B 57 -10.54 37.00 6.34
C ALA B 57 -10.08 35.99 5.29
N ALA B 58 -10.39 34.71 5.58
CA ALA B 58 -10.04 33.63 4.66
C ALA B 58 -10.80 33.85 3.35
N LEU B 59 -12.06 34.27 3.40
CA LEU B 59 -12.81 34.52 2.16
C LEU B 59 -12.17 35.64 1.32
N LEU B 60 -11.81 36.73 2.03
CA LEU B 60 -11.17 37.90 1.47
C LEU B 60 -9.86 37.49 0.79
N SER B 61 -9.13 36.55 1.44
CA SER B 61 -7.83 36.09 1.00
C SER B 61 -7.97 35.31 -0.33
N GLN B 62 -8.94 34.41 -0.34
CA GLN B 62 -9.30 33.67 -1.56
C GLN B 62 -9.67 34.64 -2.70
N GLU B 63 -10.41 35.68 -2.38
CA GLU B 63 -10.82 36.63 -3.42
C GLU B 63 -9.58 37.20 -4.12
N PHE B 64 -8.63 37.63 -3.28
CA PHE B 64 -7.34 38.14 -3.71
C PHE B 64 -6.67 37.11 -4.65
N ALA B 65 -6.46 35.86 -4.17
CA ALA B 65 -5.65 34.93 -4.97
C ALA B 65 -6.42 34.67 -6.27
N GLU B 66 -7.74 34.58 -6.18
CA GLU B 66 -8.56 34.49 -7.39
C GLU B 66 -8.08 35.49 -8.45
N ALA B 67 -8.23 36.79 -8.13
CA ALA B 67 -8.04 37.84 -9.11
C ALA B 67 -6.60 37.80 -9.68
N TRP B 68 -5.61 37.61 -8.76
CA TRP B 68 -4.22 37.71 -9.11
C TRP B 68 -3.76 36.46 -9.89
N GLY B 69 -4.36 35.31 -9.54
CA GLY B 69 -4.22 34.06 -10.27
C GLY B 69 -4.77 34.05 -11.68
N GLN B 70 -6.02 34.49 -11.83
CA GLN B 70 -6.63 34.74 -13.13
C GLN B 70 -5.77 35.62 -14.03
N LYS B 71 -5.26 36.68 -13.42
CA LYS B 71 -4.53 37.66 -14.19
C LYS B 71 -3.18 37.07 -14.64
N ALA B 72 -2.53 36.29 -13.76
CA ALA B 72 -1.24 35.71 -14.08
C ALA B 72 -1.35 34.68 -15.21
N LYS B 73 -2.40 33.85 -15.17
CA LYS B 73 -2.68 32.91 -16.27
C LYS B 73 -3.01 33.72 -17.52
N GLU B 74 -3.99 34.62 -17.42
CA GLU B 74 -4.46 35.46 -18.51
C GLU B 74 -3.29 36.13 -19.23
N LEU B 75 -2.31 36.64 -18.47
CA LEU B 75 -1.22 37.42 -19.04
C LEU B 75 -0.06 36.54 -19.51
N TYR B 76 0.37 35.57 -18.69
CA TYR B 76 1.66 34.92 -18.87
C TYR B 76 1.56 33.40 -18.98
N GLU B 77 0.38 32.80 -19.23
CA GLU B 77 0.23 31.38 -18.97
C GLU B 77 1.20 30.60 -19.84
N PRO B 78 1.25 30.84 -21.17
CA PRO B 78 2.27 30.19 -22.00
C PRO B 78 3.73 30.46 -21.54
N ILE B 79 4.09 31.76 -21.43
CA ILE B 79 5.47 32.21 -21.59
C ILE B 79 6.32 32.20 -20.31
N TRP B 80 5.73 32.23 -19.10
CA TRP B 80 6.50 32.39 -17.88
C TRP B 80 7.57 31.31 -17.73
N GLN B 81 7.31 30.15 -18.36
CA GLN B 81 8.17 28.98 -18.35
C GLN B 81 9.55 29.32 -18.92
N GLN B 82 9.63 30.23 -19.91
CA GLN B 82 10.85 30.52 -20.65
C GLN B 82 11.50 31.83 -20.19
N PHE B 83 11.11 32.35 -19.01
CA PHE B 83 11.74 33.54 -18.46
C PHE B 83 13.17 33.22 -18.02
N THR B 84 14.12 34.09 -18.39
CA THR B 84 15.51 33.97 -17.94
C THR B 84 15.66 34.05 -16.41
N ASP B 85 14.87 34.91 -15.74
CA ASP B 85 15.00 35.13 -14.30
C ASP B 85 14.36 33.93 -13.55
N PRO B 86 15.18 33.04 -12.94
CA PRO B 86 14.62 31.88 -12.25
C PRO B 86 13.73 32.23 -11.06
N GLN B 87 14.09 33.29 -10.30
CA GLN B 87 13.40 33.74 -9.10
C GLN B 87 12.00 34.19 -9.46
N LEU B 88 11.92 34.95 -10.58
CA LEU B 88 10.63 35.35 -11.17
C LEU B 88 9.77 34.15 -11.63
N ARG B 89 10.37 33.18 -12.33
CA ARG B 89 9.63 31.99 -12.74
C ARG B 89 8.95 31.28 -11.56
N ARG B 90 9.66 31.21 -10.41
CA ARG B 90 9.11 30.62 -9.19
C ARG B 90 7.96 31.45 -8.60
N ILE B 91 8.10 32.80 -8.63
CA ILE B 91 7.05 33.65 -8.11
C ILE B 91 5.80 33.46 -8.99
N ILE B 92 5.94 33.41 -10.32
CA ILE B 92 4.77 33.33 -11.21
C ILE B 92 4.14 31.94 -11.19
N GLY B 93 4.99 30.90 -11.15
CA GLY B 93 4.52 29.55 -10.86
C GLY B 93 3.57 29.51 -9.64
N ALA B 94 3.96 30.15 -8.51
CA ALA B 94 3.18 30.18 -7.26
C ALA B 94 1.88 30.95 -7.43
N VAL B 95 1.92 32.14 -8.06
CA VAL B 95 0.76 33.02 -8.22
C VAL B 95 -0.42 32.35 -8.95
N ARG B 96 -0.12 31.61 -10.04
CA ARG B 96 -1.12 30.91 -10.81
C ARG B 96 -1.56 29.57 -10.22
N THR B 97 -1.09 29.19 -9.02
CA THR B 97 -1.65 28.08 -8.23
C THR B 97 -2.65 28.65 -7.22
N LEU B 98 -3.95 28.50 -7.50
CA LEU B 98 -5.01 29.19 -6.80
C LEU B 98 -5.46 28.50 -5.53
N GLY B 99 -5.38 27.15 -5.50
CA GLY B 99 -5.79 26.37 -4.35
C GLY B 99 -7.29 26.49 -4.07
N SER B 100 -7.62 26.69 -2.78
CA SER B 100 -8.97 26.86 -2.27
C SER B 100 -9.76 27.86 -3.09
N ALA B 101 -9.04 28.77 -3.76
CA ALA B 101 -9.65 29.84 -4.53
C ALA B 101 -10.24 29.30 -5.84
N ASN B 102 -9.91 28.07 -6.23
CA ASN B 102 -10.53 27.52 -7.41
C ASN B 102 -11.98 27.16 -7.08
N LEU B 103 -12.26 27.04 -5.77
CA LEU B 103 -13.58 26.64 -5.27
C LEU B 103 -14.60 27.70 -5.65
N PRO B 104 -15.85 27.29 -6.04
CA PRO B 104 -16.97 28.22 -6.01
C PRO B 104 -17.19 28.75 -4.60
N LEU B 105 -18.02 29.80 -4.48
CA LEU B 105 -18.10 30.66 -3.29
C LEU B 105 -18.69 29.88 -2.13
N ALA B 106 -19.78 29.17 -2.39
CA ALA B 106 -20.48 28.43 -1.35
C ALA B 106 -19.53 27.39 -0.76
N LYS B 107 -18.71 26.79 -1.63
CA LYS B 107 -17.81 25.77 -1.13
C LYS B 107 -16.60 26.42 -0.47
N ARG B 108 -16.25 27.65 -0.88
CA ARG B 108 -15.26 28.43 -0.14
C ARG B 108 -15.69 28.59 1.31
N GLN B 109 -16.95 28.99 1.50
CA GLN B 109 -17.52 29.14 2.83
C GLN B 109 -17.30 27.83 3.54
N GLN B 110 -17.82 26.74 2.98
CA GLN B 110 -17.87 25.45 3.64
C GLN B 110 -16.51 24.93 4.10
N TYR B 111 -15.52 25.06 3.22
CA TYR B 111 -14.16 24.70 3.55
C TYR B 111 -13.62 25.51 4.72
N ASN B 112 -13.79 26.85 4.67
CA ASN B 112 -13.37 27.78 5.71
C ASN B 112 -14.09 27.37 7.01
N ALA B 113 -15.31 26.85 6.99
CA ALA B 113 -15.97 26.55 8.28
C ALA B 113 -15.54 25.19 8.87
N LEU B 114 -15.13 24.23 8.03
CA LEU B 114 -14.83 22.93 8.62
C LEU B 114 -13.49 23.02 9.35
N LEU B 115 -12.55 23.79 8.81
CA LEU B 115 -11.27 24.06 9.45
C LEU B 115 -11.50 24.59 10.87
N SER B 116 -12.51 25.46 11.03
CA SER B 116 -12.77 26.12 12.28
C SER B 116 -13.35 25.13 13.28
N GLN B 117 -14.31 24.32 12.85
CA GLN B 117 -14.90 23.33 13.72
C GLN B 117 -13.88 22.24 14.08
N MET B 118 -13.09 21.75 13.13
CA MET B 118 -12.04 20.74 13.40
C MET B 118 -10.98 21.27 14.37
N SER B 119 -10.48 22.50 14.17
CA SER B 119 -9.57 23.14 15.09
C SER B 119 -10.14 23.20 16.48
N ARG B 120 -11.42 23.59 16.57
CA ARG B 120 -12.06 23.77 17.86
C ARG B 120 -12.19 22.44 18.55
N ILE B 121 -12.67 21.41 17.84
CA ILE B 121 -12.89 20.13 18.50
C ILE B 121 -11.57 19.63 19.10
N TYR B 122 -10.48 19.72 18.35
CA TYR B 122 -9.19 19.16 18.81
C TYR B 122 -8.76 19.87 20.10
N SER B 123 -8.81 21.20 20.06
CA SER B 123 -8.17 22.05 21.06
C SER B 123 -9.05 22.23 22.30
N THR B 124 -10.34 21.86 22.25
CA THR B 124 -11.20 21.92 23.44
C THR B 124 -11.59 20.53 23.94
N ALA B 125 -11.15 19.43 23.31
CA ALA B 125 -11.56 18.11 23.78
C ALA B 125 -11.01 17.81 25.16
N LYS B 126 -11.78 17.07 25.96
CA LYS B 126 -11.37 16.78 27.32
C LYS B 126 -11.65 15.32 27.65
N VAL B 127 -11.00 14.81 28.70
CA VAL B 127 -11.26 13.49 29.22
C VAL B 127 -11.81 13.65 30.63
N CYS B 128 -12.96 13.07 30.91
CA CYS B 128 -13.56 13.18 32.24
C CYS B 128 -13.61 11.81 32.88
N LEU B 129 -13.45 11.73 34.22
CA LEU B 129 -13.67 10.49 34.98
C LEU B 129 -15.09 10.46 35.59
N THR B 135 -14.60 17.77 36.87
CA THR B 135 -13.12 17.63 37.05
C THR B 135 -12.52 16.96 35.80
N CYS B 136 -12.08 17.71 34.77
CA CYS B 136 -11.75 17.10 33.46
C CYS B 136 -10.32 17.41 32.99
N TRP B 137 -9.64 16.41 32.41
CA TRP B 137 -8.25 16.57 31.96
C TRP B 137 -8.15 17.11 30.53
N SER B 138 -7.37 18.16 30.34
CA SER B 138 -6.98 18.70 29.05
C SER B 138 -5.79 17.93 28.51
N LEU B 139 -5.57 18.00 27.21
CA LEU B 139 -4.38 17.40 26.60
C LEU B 139 -3.11 18.03 27.18
N ASP B 140 -3.06 19.35 27.19
CA ASP B 140 -1.89 20.08 27.64
C ASP B 140 -2.37 20.95 28.81
N PRO B 141 -1.93 20.76 30.08
CA PRO B 141 -0.86 19.87 30.49
C PRO B 141 -1.19 18.46 30.96
N ASP B 142 -2.46 18.20 31.29
CA ASP B 142 -2.75 17.08 32.16
C ASP B 142 -2.42 15.77 31.47
N LEU B 143 -3.01 15.52 30.30
CA LEU B 143 -2.80 14.22 29.65
C LEU B 143 -1.33 14.08 29.19
N THR B 144 -0.72 15.14 28.68
CA THR B 144 0.69 15.19 28.33
C THR B 144 1.53 14.70 29.51
N ASN B 145 1.23 15.20 30.72
CA ASN B 145 2.02 14.89 31.89
C ASN B 145 1.78 13.46 32.31
N ILE B 146 0.54 12.99 32.23
CA ILE B 146 0.27 11.60 32.54
C ILE B 146 1.04 10.69 31.62
N LEU B 147 0.98 10.93 30.28
CA LEU B 147 1.65 10.05 29.33
C LEU B 147 3.14 10.05 29.58
N ALA B 148 3.65 11.22 30.05
CA ALA B 148 5.09 11.39 30.25
C ALA B 148 5.59 10.65 31.48
N SER B 149 4.81 10.63 32.58
CA SER B 149 5.42 10.33 33.88
C SER B 149 4.65 9.26 34.65
N SER B 150 3.38 8.97 34.33
CA SER B 150 2.72 7.84 34.96
C SER B 150 3.35 6.54 34.47
N ARG B 151 3.51 5.56 35.38
CA ARG B 151 4.01 4.22 35.10
C ARG B 151 3.00 3.18 35.58
N SER B 152 1.75 3.64 35.63
CA SER B 152 0.63 2.78 35.88
C SER B 152 -0.03 2.47 34.54
N TYR B 153 -0.12 1.17 34.24
CA TYR B 153 -0.65 0.68 32.99
C TYR B 153 -2.08 1.20 32.80
N ALA B 154 -2.89 1.16 33.86
CA ALA B 154 -4.31 1.46 33.80
C ALA B 154 -4.57 2.95 33.68
N MET B 155 -3.74 3.78 34.34
CA MET B 155 -3.88 5.22 34.21
C MET B 155 -3.51 5.67 32.80
N LEU B 156 -2.39 5.14 32.30
CA LEU B 156 -1.94 5.48 30.94
C LEU B 156 -2.97 5.10 29.90
N LEU B 157 -3.64 3.97 30.15
CA LEU B 157 -4.62 3.46 29.20
C LEU B 157 -5.84 4.35 29.18
N PHE B 158 -6.31 4.69 30.36
CA PHE B 158 -7.45 5.56 30.49
C PHE B 158 -7.16 6.89 29.77
N ALA B 159 -5.97 7.43 29.93
CA ALA B 159 -5.63 8.68 29.30
C ALA B 159 -5.57 8.52 27.78
N TRP B 160 -4.89 7.45 27.31
CA TRP B 160 -4.75 7.18 25.88
C TRP B 160 -6.11 6.95 25.20
N GLU B 161 -6.96 6.09 25.78
CA GLU B 161 -8.28 5.80 25.22
C GLU B 161 -9.20 7.00 25.33
N GLY B 162 -9.21 7.64 26.49
CA GLY B 162 -9.97 8.86 26.66
C GLY B 162 -9.70 9.89 25.57
N TRP B 163 -8.41 10.19 25.36
CA TRP B 163 -8.04 11.23 24.41
C TRP B 163 -8.47 10.81 22.99
N HIS B 164 -8.10 9.58 22.60
CA HIS B 164 -8.35 9.14 21.23
C HIS B 164 -9.85 9.16 20.94
N ASN B 165 -10.64 8.71 21.88
CA ASN B 165 -12.08 8.72 21.72
C ASN B 165 -12.67 10.16 21.68
N ALA B 166 -12.26 11.02 22.65
CA ALA B 166 -12.78 12.36 22.76
C ALA B 166 -12.45 13.22 21.56
N ALA B 167 -11.23 13.13 21.00
CA ALA B 167 -10.88 13.99 19.88
C ALA B 167 -11.22 13.35 18.56
N GLY B 168 -10.91 12.05 18.41
CA GLY B 168 -11.05 11.34 17.14
C GLY B 168 -12.47 11.20 16.61
N ILE B 169 -13.35 10.66 17.44
CA ILE B 169 -14.66 10.22 17.00
C ILE B 169 -15.43 11.37 16.37
N PRO B 170 -15.60 12.56 17.01
CA PRO B 170 -16.36 13.65 16.37
C PRO B 170 -15.71 14.33 15.18
N LEU B 171 -14.39 14.13 14.98
CA LEU B 171 -13.74 14.73 13.84
C LEU B 171 -14.06 13.97 12.55
N LYS B 172 -14.40 12.69 12.61
CA LYS B 172 -14.41 11.92 11.39
C LYS B 172 -15.34 12.48 10.32
N PRO B 173 -16.64 12.81 10.59
CA PRO B 173 -17.51 13.32 9.54
C PRO B 173 -17.01 14.62 8.90
N LEU B 174 -16.37 15.46 9.70
CA LEU B 174 -15.87 16.73 9.21
C LEU B 174 -14.66 16.51 8.31
N TYR B 175 -13.82 15.55 8.74
CA TYR B 175 -12.57 15.32 8.02
C TYR B 175 -12.88 14.78 6.63
N GLU B 176 -13.94 14.00 6.51
CA GLU B 176 -14.31 13.47 5.21
C GLU B 176 -14.73 14.60 4.26
N ASP B 177 -15.56 15.56 4.75
CA ASP B 177 -16.03 16.68 3.93
C ASP B 177 -14.87 17.59 3.56
N PHE B 178 -13.94 17.77 4.52
CA PHE B 178 -12.81 18.62 4.22
C PHE B 178 -12.03 18.03 3.05
N THR B 179 -11.77 16.70 3.14
CA THR B 179 -10.92 16.03 2.17
C THR B 179 -11.46 16.20 0.74
N ALA B 180 -12.76 16.01 0.56
CA ALA B 180 -13.41 16.17 -0.74
C ALA B 180 -13.29 17.62 -1.28
N LEU B 181 -13.55 18.62 -0.42
CA LEU B 181 -13.41 20.03 -0.80
C LEU B 181 -11.96 20.34 -1.19
N SER B 182 -10.99 19.86 -0.40
CA SER B 182 -9.63 20.23 -0.71
C SER B 182 -9.21 19.64 -2.06
N ASN B 183 -9.63 18.40 -2.33
CA ASN B 183 -9.22 17.72 -3.54
C ASN B 183 -9.74 18.45 -4.77
N GLU B 184 -11.00 18.89 -4.66
CA GLU B 184 -11.67 19.60 -5.74
C GLU B 184 -10.91 20.89 -6.09
N ALA B 185 -10.46 21.59 -5.02
CA ALA B 185 -9.73 22.82 -5.19
C ALA B 185 -8.49 22.59 -6.04
N TYR B 186 -7.70 21.60 -5.64
CA TYR B 186 -6.36 21.49 -6.18
C TYR B 186 -6.38 20.78 -7.54
N LYS B 187 -7.46 20.02 -7.84
CA LYS B 187 -7.62 19.41 -9.15
C LYS B 187 -7.67 20.51 -10.23
N GLN B 188 -8.20 21.68 -9.90
CA GLN B 188 -8.29 22.74 -10.90
C GLN B 188 -6.95 23.43 -11.13
N ASP B 189 -5.94 23.20 -10.29
CA ASP B 189 -4.60 23.68 -10.61
C ASP B 189 -3.77 22.62 -11.31
N GLY B 190 -4.33 21.41 -11.55
CA GLY B 190 -3.66 20.38 -12.34
C GLY B 190 -3.02 19.27 -11.49
N PHE B 191 -3.27 19.27 -10.17
CA PHE B 191 -2.81 18.18 -9.31
C PHE B 191 -3.86 17.08 -9.27
N THR B 192 -3.43 15.79 -9.36
CA THR B 192 -4.35 14.66 -9.19
C THR B 192 -5.11 14.81 -7.86
N ASP B 193 -4.44 15.32 -6.83
CA ASP B 193 -5.05 15.46 -5.51
C ASP B 193 -4.20 16.41 -4.66
N THR B 194 -4.70 16.78 -3.50
CA THR B 194 -4.02 17.68 -2.58
C THR B 194 -2.66 17.17 -2.15
N GLY B 195 -2.56 15.86 -1.93
CA GLY B 195 -1.31 15.25 -1.56
C GLY B 195 -0.26 15.61 -2.58
N ALA B 196 -0.61 15.55 -3.88
CA ALA B 196 0.35 15.80 -4.95
C ALA B 196 0.76 17.27 -4.92
N TYR B 197 -0.17 18.15 -4.54
CA TYR B 197 0.21 19.52 -4.36
C TYR B 197 1.23 19.68 -3.23
N TRP B 198 0.90 19.14 -2.03
CA TRP B 198 1.76 19.20 -0.87
C TRP B 198 3.17 18.76 -1.22
N ARG B 199 3.28 17.66 -1.96
CA ARG B 199 4.54 17.08 -2.35
C ARG B 199 5.27 17.95 -3.39
N SER B 200 4.54 18.73 -4.21
CA SER B 200 5.17 19.56 -5.23
C SER B 200 6.14 20.56 -4.62
N TRP B 201 5.94 20.87 -3.32
CA TRP B 201 6.81 21.77 -2.57
C TRP B 201 8.26 21.35 -2.57
N TYR B 202 8.59 20.07 -2.73
CA TYR B 202 9.98 19.67 -2.68
C TYR B 202 10.65 19.69 -4.03
N ASN B 203 9.91 20.10 -5.08
CA ASN B 203 10.44 20.23 -6.44
C ASN B 203 11.39 19.12 -6.81
N SER B 204 10.89 17.90 -6.73
CA SER B 204 11.71 16.72 -6.90
C SER B 204 10.86 15.64 -7.55
N PRO B 205 11.18 15.24 -8.81
CA PRO B 205 10.55 14.09 -9.44
C PRO B 205 10.58 12.83 -8.61
N THR B 206 11.70 12.55 -7.93
CA THR B 206 11.92 11.28 -7.27
C THR B 206 11.61 11.32 -5.73
N PHE B 207 10.82 12.26 -5.23
CA PHE B 207 10.72 12.54 -3.79
C PHE B 207 10.38 11.30 -2.97
N GLU B 208 9.36 10.56 -3.42
CA GLU B 208 8.84 9.44 -2.70
C GLU B 208 9.86 8.31 -2.62
N ASP B 209 10.49 8.00 -3.74
CA ASP B 209 11.62 7.07 -3.81
C ASP B 209 12.76 7.53 -2.90
N ASP B 210 13.10 8.81 -2.94
CA ASP B 210 14.17 9.36 -2.12
C ASP B 210 13.87 9.17 -0.63
N LEU B 211 12.63 9.42 -0.19
CA LEU B 211 12.27 9.26 1.23
C LEU B 211 12.38 7.80 1.63
N GLU B 212 11.93 6.90 0.74
CA GLU B 212 11.92 5.49 1.02
C GLU B 212 13.35 4.99 1.16
N HIS B 213 14.25 5.48 0.30
CA HIS B 213 15.63 5.02 0.31
C HIS B 213 16.26 5.47 1.64
N LEU B 214 15.90 6.66 2.12
CA LEU B 214 16.43 7.20 3.37
C LEU B 214 15.95 6.33 4.53
N TYR B 215 14.63 6.08 4.54
CA TYR B 215 14.05 5.26 5.60
C TYR B 215 14.70 3.86 5.66
N GLN B 216 15.02 3.27 4.53
CA GLN B 216 15.68 1.98 4.54
C GLN B 216 17.02 2.04 5.25
N GLN B 217 17.78 3.12 5.14
CA GLN B 217 19.06 3.20 5.83
C GLN B 217 18.89 3.39 7.33
N LEU B 218 17.77 3.99 7.74
CA LEU B 218 17.56 4.39 9.12
C LEU B 218 16.85 3.30 9.90
N GLU B 219 16.11 2.47 9.15
CA GLU B 219 15.24 1.48 9.79
C GLU B 219 16.00 0.56 10.73
N PRO B 220 17.17 -0.02 10.38
CA PRO B 220 17.88 -0.84 11.36
C PRO B 220 18.07 -0.19 12.74
N LEU B 221 18.40 1.11 12.75
CA LEU B 221 18.60 1.84 13.99
C LEU B 221 17.31 1.84 14.81
N TYR B 222 16.19 2.11 14.12
CA TYR B 222 14.91 2.13 14.83
C TYR B 222 14.60 0.74 15.39
N LEU B 223 14.91 -0.29 14.59
CA LEU B 223 14.55 -1.64 15.01
C LEU B 223 15.31 -2.01 16.27
N ASN B 224 16.57 -1.58 16.37
CA ASN B 224 17.39 -1.94 17.52
C ASN B 224 16.96 -1.15 18.74
N LEU B 225 16.58 0.11 18.52
CA LEU B 225 16.10 0.91 19.63
C LEU B 225 14.81 0.33 20.18
N HIS B 226 13.85 0.03 19.29
CA HIS B 226 12.56 -0.57 19.63
C HIS B 226 12.75 -1.81 20.49
N ALA B 227 13.59 -2.75 20.04
CA ALA B 227 13.76 -4.01 20.75
C ALA B 227 14.29 -3.76 22.15
N PHE B 228 15.25 -2.82 22.26
CA PHE B 228 15.89 -2.47 23.53
C PHE B 228 14.89 -1.88 24.49
N VAL B 229 14.05 -0.97 23.96
CA VAL B 229 13.03 -0.35 24.78
C VAL B 229 11.96 -1.34 25.15
N ARG B 230 11.56 -2.20 24.20
CA ARG B 230 10.56 -3.21 24.54
C ARG B 230 11.02 -4.10 25.71
N ARG B 231 12.30 -4.42 25.72
CA ARG B 231 12.84 -5.28 26.76
C ARG B 231 12.68 -4.57 28.11
N ALA B 232 13.02 -3.27 28.13
CA ALA B 232 12.90 -2.47 29.35
C ALA B 232 11.48 -2.46 29.86
N LEU B 233 10.51 -2.49 28.93
CA LEU B 233 9.11 -2.35 29.31
C LEU B 233 8.62 -3.69 29.80
N HIS B 234 9.18 -4.77 29.24
CA HIS B 234 8.84 -6.10 29.71
C HIS B 234 9.24 -6.20 31.19
N ARG B 235 10.45 -5.82 31.54
CA ARG B 235 10.88 -5.89 32.94
C ARG B 235 9.88 -5.15 33.84
N ARG B 236 9.32 -4.03 33.34
CA ARG B 236 8.48 -3.16 34.17
C ARG B 236 7.05 -3.70 34.22
N TYR B 237 6.46 -4.05 33.08
CA TYR B 237 5.02 -4.28 33.04
C TYR B 237 4.74 -5.78 33.05
N GLY B 238 5.76 -6.59 32.71
CA GLY B 238 5.58 -8.04 32.72
C GLY B 238 5.01 -8.60 31.42
N ASP B 239 4.85 -9.92 31.42
CA ASP B 239 4.63 -10.68 30.20
C ASP B 239 3.17 -10.58 29.80
N ARG B 240 2.30 -10.30 30.74
CA ARG B 240 0.90 -10.15 30.37
C ARG B 240 0.73 -9.03 29.34
N TYR B 241 1.50 -7.94 29.48
CA TYR B 241 1.21 -6.71 28.76
C TYR B 241 2.25 -6.36 27.71
N ILE B 242 3.40 -7.03 27.70
CA ILE B 242 4.47 -6.81 26.74
C ILE B 242 4.82 -8.14 26.11
N ASN B 243 4.73 -8.19 24.78
CA ASN B 243 5.08 -9.36 23.99
C ASN B 243 6.44 -9.06 23.36
N LEU B 244 7.46 -9.82 23.79
CA LEU B 244 8.82 -9.60 23.35
C LEU B 244 9.00 -9.91 21.85
N ARG B 245 7.97 -10.43 21.17
CA ARG B 245 8.05 -10.62 19.73
C ARG B 245 6.90 -9.94 19.00
N GLY B 246 6.24 -9.01 19.67
CA GLY B 246 5.08 -8.31 19.14
C GLY B 246 5.23 -6.80 19.27
N PRO B 247 4.28 -6.05 18.72
CA PRO B 247 4.29 -4.61 18.86
C PRO B 247 4.12 -4.18 20.31
N ILE B 248 4.69 -3.02 20.60
CA ILE B 248 4.58 -2.37 21.90
C ILE B 248 3.23 -1.66 22.01
N PRO B 249 2.49 -1.88 23.12
CA PRO B 249 1.28 -1.13 23.39
C PRO B 249 1.53 0.38 23.29
N ALA B 250 0.66 1.12 22.55
CA ALA B 250 0.96 2.48 22.05
C ALA B 250 0.95 3.57 23.12
N HIS B 251 0.59 3.19 24.35
CA HIS B 251 0.46 4.13 25.45
C HIS B 251 1.66 4.10 26.40
N LEU B 252 2.69 3.27 26.15
CA LEU B 252 3.72 3.00 27.14
C LEU B 252 5.02 3.76 26.90
N LEU B 253 5.10 4.68 25.94
CA LEU B 253 6.38 5.14 25.50
C LEU B 253 6.60 6.62 25.76
N GLY B 254 5.77 7.26 26.57
CA GLY B 254 6.13 8.56 27.08
C GLY B 254 5.34 9.71 26.46
N ASP B 255 4.56 9.37 25.44
CA ASP B 255 3.95 10.35 24.59
C ASP B 255 2.64 9.79 24.05
N MET B 256 1.67 10.67 23.85
CA MET B 256 0.32 10.28 23.49
C MET B 256 0.33 9.53 22.15
N TRP B 257 1.25 9.90 21.26
CA TRP B 257 1.33 9.34 19.90
C TRP B 257 2.49 8.36 19.76
N ALA B 258 3.16 8.06 20.86
CA ALA B 258 4.35 7.22 20.87
C ALA B 258 5.39 7.80 19.92
N GLN B 259 5.42 9.11 19.73
CA GLN B 259 6.19 9.62 18.61
C GLN B 259 7.65 9.90 18.99
N SER B 260 7.90 10.21 20.25
CA SER B 260 9.25 10.30 20.75
C SER B 260 9.24 9.80 22.20
N TRP B 261 10.35 9.22 22.58
CA TRP B 261 10.32 8.36 23.77
C TRP B 261 11.19 8.90 24.91
N GLU B 262 11.63 10.17 24.83
CA GLU B 262 12.56 10.70 25.83
C GLU B 262 12.01 10.63 27.25
N ASN B 263 10.68 10.64 27.43
CA ASN B 263 10.09 10.70 28.77
C ASN B 263 10.17 9.35 29.49
N ILE B 264 10.43 8.23 28.80
CA ILE B 264 10.72 7.01 29.53
C ILE B 264 12.22 6.77 29.61
N TYR B 265 13.03 7.81 29.37
CA TYR B 265 14.48 7.66 29.52
C TYR B 265 14.84 7.06 30.88
N ASP B 266 14.17 7.50 31.94
CA ASP B 266 14.57 7.10 33.28
C ASP B 266 14.37 5.58 33.41
N MET B 267 13.51 4.98 32.56
CA MET B 267 13.25 3.56 32.71
C MET B 267 14.22 2.73 31.92
N VAL B 268 14.98 3.33 30.99
CA VAL B 268 15.76 2.54 30.04
C VAL B 268 17.24 2.91 30.09
N VAL B 269 17.58 3.93 30.88
CA VAL B 269 18.93 4.49 30.89
C VAL B 269 19.97 3.37 31.03
N PRO B 270 20.90 3.24 30.05
CA PRO B 270 21.81 2.13 29.96
C PRO B 270 22.87 1.94 31.00
N PHE B 271 23.27 3.04 31.70
CA PHE B 271 24.14 3.04 32.86
C PHE B 271 23.60 3.97 33.93
N PRO B 272 22.60 3.51 34.71
CA PRO B 272 21.76 4.37 35.56
C PRO B 272 22.32 5.26 36.66
N ASP B 273 23.47 4.90 37.24
CA ASP B 273 24.05 5.57 38.40
C ASP B 273 24.71 6.91 38.07
N LYS B 274 25.11 7.08 36.79
CA LYS B 274 25.82 8.24 36.33
C LYS B 274 24.90 9.44 36.54
N PRO B 275 25.37 10.70 36.32
CA PRO B 275 24.49 11.87 36.40
C PRO B 275 23.26 11.79 35.51
N ASN B 276 22.19 12.39 36.01
CA ASN B 276 20.89 12.41 35.37
C ASN B 276 20.95 13.42 34.23
N LEU B 277 20.86 12.97 32.97
CA LEU B 277 20.96 13.88 31.83
C LEU B 277 19.63 14.57 31.50
N ASP B 278 18.58 14.26 32.26
CA ASP B 278 17.35 15.03 32.23
C ASP B 278 17.39 16.05 33.36
N VAL B 279 17.61 17.30 32.95
CA VAL B 279 17.87 18.38 33.85
C VAL B 279 16.57 19.03 34.36
N THR B 280 15.43 18.41 34.09
CA THR B 280 14.14 18.94 34.51
C THR B 280 14.14 19.28 36.00
N SER B 281 14.54 18.34 36.86
N SER B 281 14.54 18.32 36.85
CA SER B 281 14.52 18.61 38.30
CA SER B 281 14.63 18.52 38.30
C SER B 281 15.33 19.84 38.66
C SER B 281 15.34 19.80 38.66
N THR B 282 16.49 20.02 38.01
CA THR B 282 17.32 21.17 38.29
C THR B 282 16.62 22.46 37.81
N MET B 283 15.96 22.40 36.65
CA MET B 283 15.25 23.57 36.17
C MET B 283 14.21 24.03 37.21
N LEU B 284 13.41 23.10 37.76
CA LEU B 284 12.37 23.41 38.76
C LEU B 284 13.03 23.89 40.05
N GLN B 285 14.04 23.15 40.49
CA GLN B 285 14.85 23.47 41.68
C GLN B 285 15.33 24.90 41.58
N GLN B 286 15.75 25.34 40.39
CA GLN B 286 16.32 26.66 40.20
C GLN B 286 15.25 27.70 39.86
N GLY B 287 13.97 27.32 39.70
CA GLY B 287 12.94 28.33 39.57
C GLY B 287 12.83 28.87 38.15
N TRP B 288 13.19 28.04 37.15
CA TRP B 288 13.02 28.43 35.76
C TRP B 288 11.53 28.61 35.44
N GLN B 289 11.21 29.59 34.60
CA GLN B 289 9.87 29.82 34.14
C GLN B 289 9.95 29.96 32.63
N ALA B 290 8.79 29.99 31.97
CA ALA B 290 8.70 30.15 30.55
C ALA B 290 9.65 31.24 30.07
N THR B 291 9.55 32.46 30.64
CA THR B 291 10.31 33.59 30.13
C THR B 291 11.80 33.27 30.05
N HIS B 292 12.32 32.61 31.08
CA HIS B 292 13.73 32.29 31.17
C HIS B 292 14.11 31.37 30.00
N MET B 293 13.18 30.45 29.71
CA MET B 293 13.46 29.44 28.72
C MET B 293 13.64 30.15 27.38
N PHE B 294 12.75 31.10 27.04
CA PHE B 294 12.82 31.82 25.78
C PHE B 294 14.07 32.73 25.77
N ARG B 295 14.43 33.33 26.90
CA ARG B 295 15.60 34.22 26.99
C ARG B 295 16.90 33.44 26.79
N VAL B 296 16.95 32.19 27.23
CA VAL B 296 18.15 31.39 27.08
C VAL B 296 18.24 30.94 25.64
N ALA B 297 17.11 30.54 25.04
CA ALA B 297 17.09 30.29 23.62
C ALA B 297 17.59 31.48 22.81
N GLU B 298 16.98 32.64 23.03
CA GLU B 298 17.37 33.84 22.32
C GLU B 298 18.88 34.05 22.37
N GLU B 299 19.45 33.97 23.58
CA GLU B 299 20.84 34.28 23.77
C GLU B 299 21.74 33.33 22.98
N PHE B 300 21.30 32.11 22.70
CA PHE B 300 22.05 31.19 21.85
C PHE B 300 22.15 31.76 20.43
N PHE B 301 21.01 32.20 19.92
CA PHE B 301 20.94 32.88 18.65
C PHE B 301 21.81 34.11 18.63
N THR B 302 21.78 35.00 19.64
CA THR B 302 22.64 36.17 19.57
C THR B 302 24.08 35.75 19.74
N SER B 303 24.38 34.59 20.37
CA SER B 303 25.79 34.19 20.49
C SER B 303 26.39 33.93 19.10
N LEU B 304 25.54 33.55 18.14
CA LEU B 304 25.88 33.28 16.74
C LEU B 304 25.86 34.54 15.89
N GLU B 305 25.54 35.69 16.49
CA GLU B 305 25.30 36.92 15.75
C GLU B 305 24.11 36.78 14.83
N LEU B 306 23.12 36.00 15.26
CA LEU B 306 21.79 36.11 14.68
C LEU B 306 21.02 37.14 15.49
N SER B 307 19.79 37.40 15.08
N SER B 307 19.77 37.37 15.10
CA SER B 307 19.00 38.48 15.61
CA SER B 307 18.96 38.46 15.61
C SER B 307 18.39 38.12 16.96
C SER B 307 18.34 38.12 16.96
N PRO B 308 18.32 39.09 17.90
CA PRO B 308 17.49 38.97 19.08
C PRO B 308 16.00 39.04 18.71
N MET B 309 15.13 38.58 19.60
CA MET B 309 13.70 38.71 19.40
C MET B 309 13.32 40.17 19.58
N PRO B 310 12.57 40.80 18.64
CA PRO B 310 12.24 42.21 18.77
C PRO B 310 11.25 42.49 19.90
N PRO B 311 11.05 43.77 20.27
CA PRO B 311 10.11 44.12 21.32
C PRO B 311 8.69 43.60 21.10
N GLU B 312 8.21 43.69 19.85
CA GLU B 312 6.89 43.21 19.48
C GLU B 312 6.72 41.74 19.76
N PHE B 313 7.81 40.95 19.75
CA PHE B 313 7.72 39.53 20.07
C PHE B 313 7.42 39.32 21.56
N TRP B 314 8.13 40.08 22.43
CA TRP B 314 7.95 39.94 23.88
C TRP B 314 6.60 40.51 24.30
N GLU B 315 6.14 41.57 23.65
CA GLU B 315 4.90 42.20 24.08
C GLU B 315 3.70 41.34 23.65
N GLY B 316 3.80 40.68 22.50
CA GLY B 316 2.65 40.09 21.81
C GLY B 316 2.47 38.60 22.00
N SER B 317 3.59 37.91 22.29
CA SER B 317 3.62 36.46 22.38
C SER B 317 2.75 35.97 23.51
N MET B 318 2.26 34.71 23.42
CA MET B 318 1.65 34.02 24.55
C MET B 318 2.56 32.84 24.91
N LEU B 319 3.22 32.90 26.05
CA LEU B 319 4.30 31.99 26.39
C LEU B 319 3.89 31.11 27.56
N GLU B 320 2.72 31.41 28.18
CA GLU B 320 2.12 30.53 29.17
C GLU B 320 0.64 30.25 28.82
N LYS B 321 0.14 29.11 29.31
CA LYS B 321 -1.30 28.85 29.28
C LYS B 321 -2.06 29.89 30.12
N PRO B 322 -2.97 30.69 29.53
CA PRO B 322 -3.73 31.68 30.31
C PRO B 322 -4.57 31.07 31.42
N ALA B 323 -4.45 31.65 32.60
CA ALA B 323 -5.15 31.18 33.79
C ALA B 323 -6.53 31.82 33.94
N ASP B 324 -6.90 32.80 33.08
CA ASP B 324 -8.30 33.24 33.04
C ASP B 324 -9.15 32.06 32.54
N GLY B 325 -8.55 31.04 31.89
CA GLY B 325 -9.26 29.81 31.58
C GLY B 325 -9.71 29.75 30.11
N ARG B 326 -9.99 30.92 29.51
CA ARG B 326 -10.05 31.09 28.06
C ARG B 326 -9.50 29.87 27.32
N GLU B 327 -10.31 29.29 26.45
CA GLU B 327 -9.88 28.26 25.54
C GLU B 327 -8.80 28.84 24.63
N VAL B 328 -7.69 28.09 24.54
CA VAL B 328 -6.64 28.41 23.59
C VAL B 328 -6.27 27.11 22.91
N VAL B 329 -5.71 27.25 21.71
CA VAL B 329 -4.91 26.24 21.07
C VAL B 329 -3.55 26.19 21.74
N CYS B 330 -3.32 25.13 22.52
CA CYS B 330 -2.11 25.06 23.31
C CYS B 330 -0.93 24.62 22.47
N HIS B 331 -1.19 23.93 21.35
CA HIS B 331 -0.14 23.38 20.52
C HIS B 331 0.82 24.50 20.07
N ALA B 332 2.11 24.37 20.42
CA ALA B 332 3.12 25.41 20.21
C ALA B 332 3.24 25.81 18.73
N SER B 333 3.34 27.11 18.46
CA SER B 333 3.44 27.58 17.08
C SER B 333 4.08 28.96 17.02
N ALA B 334 4.66 29.26 15.85
CA ALA B 334 5.43 30.46 15.56
C ALA B 334 4.81 31.17 14.36
N TRP B 335 4.62 32.49 14.53
CA TRP B 335 3.70 33.30 13.72
C TRP B 335 4.40 34.47 13.05
N ASP B 336 4.39 34.46 11.70
CA ASP B 336 4.82 35.55 10.84
C ASP B 336 3.60 36.35 10.38
N PHE B 337 3.58 37.65 10.69
CA PHE B 337 2.38 38.45 10.38
C PHE B 337 2.48 39.12 9.03
N TYR B 338 3.59 38.92 8.31
CA TYR B 338 3.84 39.43 6.95
C TYR B 338 3.75 40.97 6.90
N ASN B 339 4.05 41.68 8.02
CA ASN B 339 4.23 43.13 8.01
C ASN B 339 5.67 43.54 8.33
N ARG B 340 6.59 42.58 8.42
CA ARG B 340 8.00 42.87 8.72
C ARG B 340 8.23 43.37 10.16
N LYS B 341 7.22 43.30 11.03
CA LYS B 341 7.28 43.92 12.33
C LYS B 341 6.85 42.95 13.43
N ASP B 342 5.68 42.31 13.25
CA ASP B 342 5.12 41.44 14.27
C ASP B 342 5.45 39.98 13.98
N PHE B 343 6.06 39.36 15.00
CA PHE B 343 6.40 37.94 15.01
C PHE B 343 6.15 37.45 16.43
N ARG B 344 5.51 36.29 16.58
CA ARG B 344 5.08 35.85 17.90
C ARG B 344 5.06 34.32 18.03
N ILE B 345 5.24 33.85 19.25
CA ILE B 345 5.08 32.44 19.56
C ILE B 345 3.89 32.34 20.51
N LYS B 346 3.11 31.28 20.30
CA LYS B 346 2.00 30.94 21.17
C LYS B 346 2.24 29.54 21.69
N GLN B 347 2.60 29.42 22.98
CA GLN B 347 2.98 28.12 23.53
C GLN B 347 2.53 28.09 24.98
N CYS B 348 1.93 26.95 25.37
CA CYS B 348 1.56 26.67 26.74
C CYS B 348 2.75 26.03 27.43
N THR B 349 3.79 26.85 27.63
CA THR B 349 5.11 26.37 27.97
C THR B 349 5.07 25.76 29.35
N ARG B 350 5.65 24.56 29.48
CA ARG B 350 5.92 23.90 30.74
C ARG B 350 7.42 23.88 31.02
N VAL B 351 7.80 23.88 32.31
CA VAL B 351 9.19 23.87 32.70
C VAL B 351 9.71 22.44 32.74
N THR B 352 10.15 21.95 31.57
CA THR B 352 10.77 20.64 31.40
C THR B 352 11.90 20.76 30.38
N MET B 353 12.76 19.74 30.37
CA MET B 353 13.84 19.71 29.41
C MET B 353 13.30 19.55 27.97
N ASP B 354 12.28 18.71 27.73
CA ASP B 354 11.78 18.54 26.36
C ASP B 354 11.10 19.83 25.85
N GLN B 355 10.48 20.59 26.76
CA GLN B 355 9.92 21.87 26.37
C GLN B 355 11.01 22.88 26.05
N LEU B 356 12.16 22.80 26.72
CA LEU B 356 13.26 23.67 26.36
C LEU B 356 13.67 23.44 24.90
N SER B 357 13.67 22.19 24.47
CA SER B 357 13.90 21.94 23.03
C SER B 357 12.76 22.49 22.19
N THR B 358 11.52 22.33 22.62
CA THR B 358 10.41 22.86 21.84
C THR B 358 10.54 24.38 21.74
N VAL B 359 11.05 25.02 22.80
CA VAL B 359 11.18 26.47 22.79
C VAL B 359 12.18 26.88 21.70
N HIS B 360 13.32 26.15 21.67
CA HIS B 360 14.32 26.40 20.62
C HIS B 360 13.75 26.16 19.20
N HIS B 361 12.95 25.11 19.06
CA HIS B 361 12.34 24.75 17.79
C HIS B 361 11.52 25.92 17.26
N GLU B 362 10.67 26.43 18.13
CA GLU B 362 9.74 27.48 17.76
C GLU B 362 10.50 28.78 17.47
N MET B 363 11.47 29.12 18.33
CA MET B 363 12.32 30.28 18.11
C MET B 363 13.10 30.18 16.80
N GLY B 364 13.52 28.99 16.36
CA GLY B 364 14.05 28.76 15.03
C GLY B 364 13.14 29.30 13.91
N HIS B 365 11.80 29.06 14.02
CA HIS B 365 10.85 29.59 13.06
C HIS B 365 10.94 31.10 13.06
N ILE B 366 10.90 31.74 14.25
CA ILE B 366 10.91 33.19 14.34
C ILE B 366 12.21 33.72 13.72
N GLN B 367 13.34 33.05 14.00
CA GLN B 367 14.60 33.56 13.49
C GLN B 367 14.55 33.58 11.95
N TYR B 368 14.00 32.52 11.37
CA TYR B 368 13.81 32.46 9.92
C TYR B 368 13.04 33.71 9.45
N TYR B 369 11.91 33.96 10.10
CA TYR B 369 11.02 35.02 9.69
C TYR B 369 11.71 36.36 9.84
N LEU B 370 12.65 36.50 10.78
CA LEU B 370 13.32 37.77 10.96
C LEU B 370 14.33 37.96 9.84
N GLN B 371 14.98 36.89 9.42
CA GLN B 371 16.07 36.97 8.47
C GLN B 371 15.59 37.19 7.03
N TYR B 372 14.33 36.88 6.72
CA TYR B 372 13.85 37.01 5.35
C TYR B 372 12.69 37.99 5.29
N LYS B 373 12.47 38.78 6.34
CA LYS B 373 11.31 39.66 6.39
C LYS B 373 11.32 40.72 5.25
N ASP B 374 12.49 41.06 4.70
CA ASP B 374 12.57 42.06 3.64
C ASP B 374 12.60 41.43 2.23
N LEU B 375 12.00 40.24 2.10
CA LEU B 375 11.89 39.64 0.79
C LEU B 375 10.45 39.83 0.31
N PRO B 376 10.24 39.75 -1.03
CA PRO B 376 8.89 39.57 -1.55
C PRO B 376 8.21 38.40 -0.83
N VAL B 377 7.01 38.66 -0.34
CA VAL B 377 6.28 37.67 0.40
C VAL B 377 6.50 36.25 -0.18
N SER B 378 6.37 36.05 -1.49
CA SER B 378 6.38 34.71 -2.07
C SER B 378 7.69 33.96 -1.79
N LEU B 379 8.77 34.68 -1.45
CA LEU B 379 10.02 34.06 -1.07
C LEU B 379 10.15 33.90 0.46
N ARG B 380 9.10 34.25 1.25
CA ARG B 380 9.13 34.22 2.71
C ARG B 380 8.62 32.89 3.28
N ARG B 381 9.40 31.85 2.97
CA ARG B 381 9.13 30.50 3.41
C ARG B 381 10.51 29.86 3.43
N GLY B 382 10.66 28.63 3.90
CA GLY B 382 11.99 28.08 3.89
C GLY B 382 12.35 27.57 2.50
N ALA B 383 13.60 27.19 2.28
CA ALA B 383 13.98 26.73 0.97
C ALA B 383 13.10 25.52 0.60
N ASN B 384 12.81 24.68 1.61
CA ASN B 384 11.65 23.81 1.59
C ASN B 384 11.11 23.74 3.03
N PRO B 385 9.91 23.18 3.28
CA PRO B 385 9.29 23.26 4.61
C PRO B 385 10.11 22.58 5.74
N GLY B 386 10.86 21.54 5.39
CA GLY B 386 11.81 20.84 6.23
C GLY B 386 12.92 21.76 6.74
N PHE B 387 13.32 22.72 5.93
CA PHE B 387 14.39 23.64 6.31
C PHE B 387 13.89 24.44 7.50
N HIS B 388 12.64 24.88 7.40
CA HIS B 388 12.12 25.71 8.44
C HIS B 388 12.00 24.88 9.71
N GLU B 389 11.62 23.61 9.60
CA GLU B 389 11.46 22.77 10.79
C GLU B 389 12.81 22.41 11.43
N ALA B 390 13.93 22.64 10.75
CA ALA B 390 15.19 22.08 11.20
C ALA B 390 15.99 23.11 12.00
N ILE B 391 15.73 24.40 11.80
CA ILE B 391 16.66 25.44 12.27
C ILE B 391 16.81 25.39 13.79
N GLY B 392 15.70 25.42 14.52
CA GLY B 392 15.76 25.47 15.98
C GLY B 392 16.27 24.15 16.58
N ASP B 393 15.91 23.03 15.94
CA ASP B 393 16.40 21.70 16.28
C ASP B 393 17.93 21.60 16.23
N VAL B 394 18.55 22.25 15.24
CA VAL B 394 20.00 22.28 15.10
C VAL B 394 20.61 22.92 16.34
N LEU B 395 20.13 24.11 16.74
CA LEU B 395 20.68 24.75 17.93
C LEU B 395 20.43 23.87 19.14
N ALA B 396 19.25 23.22 19.20
CA ALA B 396 18.92 22.41 20.35
C ALA B 396 19.85 21.20 20.49
N LEU B 397 20.41 20.73 19.39
CA LEU B 397 21.36 19.64 19.47
C LEU B 397 22.61 20.07 20.24
N SER B 398 23.06 21.31 20.06
CA SER B 398 24.18 21.86 20.80
C SER B 398 23.80 22.06 22.26
N VAL B 399 22.63 22.65 22.49
CA VAL B 399 22.17 22.95 23.85
C VAL B 399 22.10 21.69 24.72
N SER B 400 21.65 20.57 24.13
N SER B 400 21.67 20.56 24.16
CA SER B 400 21.42 19.33 24.84
CA SER B 400 21.44 19.38 24.98
C SER B 400 22.71 18.64 25.28
C SER B 400 22.75 18.67 25.36
N THR B 401 23.87 19.04 24.73
CA THR B 401 25.12 18.37 25.10
C THR B 401 25.42 18.60 26.58
N PRO B 402 25.95 17.56 27.28
CA PRO B 402 26.35 17.72 28.69
C PRO B 402 27.30 18.88 28.95
N GLU B 403 28.27 19.12 28.05
CA GLU B 403 29.10 20.30 28.18
C GLU B 403 28.27 21.59 28.12
N HIS B 404 27.35 21.74 27.16
CA HIS B 404 26.61 23.00 27.08
C HIS B 404 25.75 23.21 28.33
N LEU B 405 25.12 22.12 28.79
CA LEU B 405 24.24 22.12 29.94
C LEU B 405 25.04 22.58 31.16
N HIS B 406 26.27 22.11 31.24
CA HIS B 406 27.15 22.54 32.32
C HIS B 406 27.39 24.05 32.22
N LYS B 407 27.60 24.55 31.00
CA LYS B 407 27.93 25.96 30.85
C LYS B 407 26.73 26.81 31.26
N ILE B 408 25.48 26.34 31.17
CA ILE B 408 24.33 27.17 31.54
C ILE B 408 23.79 26.76 32.91
N GLY B 409 24.56 26.02 33.72
CA GLY B 409 24.30 25.81 35.13
C GLY B 409 23.24 24.75 35.42
N LEU B 410 22.92 23.90 34.44
CA LEU B 410 21.93 22.83 34.57
C LEU B 410 22.54 21.43 34.86
N LEU B 411 23.84 21.31 34.94
CA LEU B 411 24.44 20.00 35.14
C LEU B 411 25.87 20.20 35.65
N ASP B 412 26.29 19.45 36.66
CA ASP B 412 27.71 19.36 37.00
C ASP B 412 28.52 18.70 35.88
N ARG B 413 29.81 19.05 35.80
CA ARG B 413 30.71 18.45 34.82
C ARG B 413 30.51 16.93 34.76
N VAL B 414 30.39 16.40 33.54
CA VAL B 414 30.27 14.97 33.30
C VAL B 414 31.65 14.35 32.99
N THR B 415 31.88 13.10 33.41
CA THR B 415 33.11 12.47 32.97
C THR B 415 32.96 12.14 31.50
N ASN B 416 33.98 12.48 30.71
CA ASN B 416 34.01 12.17 29.30
C ASN B 416 34.52 10.74 29.13
N ASP B 417 33.66 9.77 29.40
CA ASP B 417 33.98 8.38 29.20
C ASP B 417 32.87 7.73 28.39
N THR B 418 33.15 6.47 28.02
CA THR B 418 32.33 5.65 27.13
C THR B 418 30.90 5.58 27.64
N GLU B 419 30.71 5.40 28.96
CA GLU B 419 29.37 5.18 29.49
C GLU B 419 28.48 6.44 29.46
N SER B 420 29.03 7.61 29.82
CA SER B 420 28.29 8.85 29.77
C SER B 420 27.91 9.14 28.32
N ASP B 421 28.79 8.76 27.37
CA ASP B 421 28.55 8.97 25.95
C ASP B 421 27.37 8.10 25.50
N ILE B 422 27.37 6.83 25.92
CA ILE B 422 26.28 5.95 25.57
C ILE B 422 24.97 6.49 26.17
N ASN B 423 25.02 6.92 27.43
CA ASN B 423 23.84 7.43 28.10
C ASN B 423 23.24 8.58 27.28
N TYR B 424 24.10 9.52 26.88
CA TYR B 424 23.65 10.70 26.16
C TYR B 424 23.09 10.31 24.79
N LEU B 425 23.80 9.45 24.06
CA LEU B 425 23.35 9.12 22.71
C LEU B 425 22.03 8.35 22.75
N LEU B 426 21.83 7.62 23.82
CA LEU B 426 20.61 6.89 23.98
C LEU B 426 19.46 7.85 24.23
N LYS B 427 19.66 8.82 25.13
CA LYS B 427 18.64 9.81 25.34
C LYS B 427 18.27 10.48 24.01
N MET B 428 19.28 10.81 23.22
CA MET B 428 19.05 11.52 21.97
C MET B 428 18.35 10.59 20.98
N ALA B 429 18.65 9.30 21.00
CA ALA B 429 17.98 8.36 20.13
C ALA B 429 16.47 8.27 20.48
N LEU B 430 16.15 8.32 21.78
CA LEU B 430 14.78 8.29 22.29
C LEU B 430 13.99 9.46 21.67
N GLU B 431 14.68 10.59 21.46
CA GLU B 431 14.08 11.82 20.98
C GLU B 431 14.01 11.86 19.45
N LYS B 432 15.07 11.42 18.73
CA LYS B 432 15.26 11.60 17.32
C LYS B 432 15.00 10.30 16.56
N ILE B 433 15.58 9.17 16.97
CA ILE B 433 15.47 7.96 16.17
C ILE B 433 14.04 7.43 16.30
N ALA B 434 13.47 7.45 17.51
CA ALA B 434 12.12 6.93 17.69
C ALA B 434 11.07 7.66 16.84
N PHE B 435 11.30 8.93 16.54
CA PHE B 435 10.42 9.78 15.80
C PHE B 435 10.40 9.41 14.33
N LEU B 436 11.51 8.85 13.79
CA LEU B 436 11.64 8.66 12.35
C LEU B 436 10.44 7.92 11.75
N PRO B 437 10.02 6.73 12.22
CA PRO B 437 8.87 6.07 11.64
C PRO B 437 7.60 6.92 11.63
N PHE B 438 7.35 7.65 12.70
CA PHE B 438 6.11 8.41 12.81
C PHE B 438 6.16 9.61 11.87
N GLY B 439 7.31 10.30 11.85
CA GLY B 439 7.61 11.31 10.87
C GLY B 439 7.30 10.88 9.45
N TYR B 440 7.67 9.63 9.09
CA TYR B 440 7.47 9.16 7.74
C TYR B 440 6.01 8.73 7.46
N LEU B 441 5.33 8.09 8.44
CA LEU B 441 4.07 7.45 8.13
C LEU B 441 2.88 8.45 8.10
N VAL B 442 2.89 9.55 8.83
CA VAL B 442 1.68 10.37 8.92
C VAL B 442 1.15 10.79 7.54
N ASP B 443 2.05 11.31 6.71
CA ASP B 443 1.68 11.73 5.39
C ASP B 443 1.52 10.56 4.44
N GLN B 444 2.16 9.40 4.68
CA GLN B 444 1.75 8.21 3.94
C GLN B 444 0.26 7.95 4.13
N TRP B 445 -0.25 8.11 5.35
CA TRP B 445 -1.65 7.95 5.61
C TRP B 445 -2.47 8.98 4.84
N ARG B 446 -2.06 10.26 4.99
CA ARG B 446 -2.80 11.35 4.41
C ARG B 446 -2.73 11.35 2.89
N TRP B 447 -1.59 11.02 2.29
CA TRP B 447 -1.53 10.93 0.84
C TRP B 447 -2.51 9.87 0.37
N GLY B 448 -2.64 8.74 1.09
CA GLY B 448 -3.61 7.71 0.75
C GLY B 448 -5.06 8.23 0.84
N VAL B 449 -5.35 9.04 1.86
CA VAL B 449 -6.69 9.56 1.99
C VAL B 449 -6.95 10.47 0.79
N PHE B 450 -6.05 11.41 0.54
CA PHE B 450 -6.25 12.35 -0.56
C PHE B 450 -6.36 11.65 -1.92
N SER B 451 -5.58 10.61 -2.19
CA SER B 451 -5.60 9.95 -3.47
C SER B 451 -6.85 9.11 -3.65
N GLY B 452 -7.57 8.80 -2.57
CA GLY B 452 -8.73 7.89 -2.70
C GLY B 452 -8.41 6.44 -2.31
N ARG B 453 -7.14 6.13 -2.02
CA ARG B 453 -6.77 4.74 -1.72
C ARG B 453 -7.34 4.30 -0.37
N THR B 454 -7.49 5.29 0.54
CA THR B 454 -8.02 5.14 1.86
C THR B 454 -9.32 5.96 1.93
N PRO B 455 -10.48 5.32 1.66
CA PRO B 455 -11.79 5.93 1.86
C PRO B 455 -12.16 5.97 3.32
N PRO B 456 -13.18 6.76 3.72
CA PRO B 456 -13.59 6.81 5.13
C PRO B 456 -13.73 5.43 5.81
N SER B 457 -14.19 4.43 5.06
CA SER B 457 -14.45 3.07 5.56
C SER B 457 -13.13 2.37 5.95
N ARG B 458 -11.98 3.00 5.65
CA ARG B 458 -10.71 2.42 6.04
C ARG B 458 -9.76 3.38 6.69
N TYR B 459 -10.29 4.52 7.20
CA TYR B 459 -9.42 5.53 7.81
C TYR B 459 -8.56 4.93 8.95
N ASN B 460 -9.19 4.14 9.83
CA ASN B 460 -8.54 3.65 11.04
C ASN B 460 -7.78 2.35 10.74
N PHE B 461 -8.35 1.50 9.90
CA PHE B 461 -7.64 0.32 9.43
C PHE B 461 -6.28 0.70 8.80
N ASP B 462 -6.26 1.69 7.89
CA ASP B 462 -5.01 2.03 7.21
C ASP B 462 -4.09 2.76 8.18
N TRP B 463 -4.66 3.58 9.07
CA TRP B 463 -3.86 4.24 10.09
C TRP B 463 -3.06 3.21 10.90
N TRP B 464 -3.78 2.25 11.46
CA TRP B 464 -3.16 1.25 12.31
C TRP B 464 -2.24 0.31 11.53
N TYR B 465 -2.53 0.05 10.26
CA TYR B 465 -1.64 -0.70 9.40
C TYR B 465 -0.26 0.00 9.41
N LEU B 466 -0.27 1.32 9.18
CA LEU B 466 0.95 2.08 9.07
C LEU B 466 1.66 2.20 10.43
N ARG B 467 0.88 2.39 11.50
CA ARG B 467 1.43 2.48 12.83
C ARG B 467 2.23 1.23 13.18
N THR B 468 1.60 0.07 12.93
CA THR B 468 2.24 -1.19 13.22
C THR B 468 3.40 -1.35 12.23
N LYS B 469 3.15 -1.16 10.93
CA LYS B 469 4.18 -1.38 9.94
C LYS B 469 5.46 -0.61 10.27
N TYR B 470 5.35 0.69 10.59
CA TYR B 470 6.52 1.50 10.80
C TYR B 470 6.95 1.59 12.27
N GLN B 471 6.05 1.93 13.21
CA GLN B 471 6.47 2.09 14.60
C GLN B 471 6.48 0.79 15.40
N GLY B 472 5.81 -0.26 14.94
CA GLY B 472 5.84 -1.48 15.72
C GLY B 472 5.10 -1.29 17.05
N ILE B 473 3.98 -0.57 16.98
CA ILE B 473 3.03 -0.43 18.07
C ILE B 473 1.64 -0.96 17.70
N CYS B 474 0.84 -1.14 18.76
CA CYS B 474 -0.53 -1.62 18.65
C CYS B 474 -1.40 -0.82 19.61
N PRO B 475 -2.70 -0.67 19.30
CA PRO B 475 -3.63 0.00 20.18
C PRO B 475 -3.88 -0.88 21.38
N PRO B 476 -3.85 -0.30 22.60
CA PRO B 476 -4.01 -1.08 23.81
C PRO B 476 -5.45 -1.47 24.11
N VAL B 477 -6.41 -0.91 23.37
CA VAL B 477 -7.81 -1.36 23.38
C VAL B 477 -8.23 -1.51 21.93
N THR B 478 -9.24 -2.33 21.72
CA THR B 478 -9.78 -2.60 20.41
C THR B 478 -10.28 -1.32 19.75
N ARG B 479 -9.98 -1.16 18.48
CA ARG B 479 -10.47 0.00 17.74
C ARG B 479 -11.28 -0.51 16.58
N ASN B 480 -12.22 0.28 16.09
CA ASN B 480 -12.95 -0.02 14.88
C ASN B 480 -13.15 1.26 14.09
N GLU B 481 -13.94 1.20 13.03
CA GLU B 481 -13.97 2.33 12.12
C GLU B 481 -14.85 3.46 12.64
N THR B 482 -15.47 3.33 13.82
CA THR B 482 -16.11 4.50 14.46
C THR B 482 -15.02 5.40 15.04
N HIS B 483 -13.90 4.79 15.46
CA HIS B 483 -12.73 5.54 15.91
C HIS B 483 -11.99 6.15 14.72
N PHE B 484 -11.38 7.32 14.96
CA PHE B 484 -10.64 8.05 13.95
C PHE B 484 -9.36 8.55 14.63
N ASP B 485 -8.47 7.59 14.86
CA ASP B 485 -7.32 7.80 15.74
C ASP B 485 -6.34 8.82 15.16
N ALA B 486 -6.22 8.86 13.86
CA ALA B 486 -5.42 9.90 13.17
C ALA B 486 -5.98 11.29 13.50
N GLY B 487 -7.27 11.42 13.76
CA GLY B 487 -7.82 12.73 14.09
C GLY B 487 -7.38 13.20 15.48
N ALA B 488 -6.85 12.28 16.29
CA ALA B 488 -6.39 12.64 17.63
C ALA B 488 -4.97 13.15 17.65
N LYS B 489 -4.39 13.36 16.46
CA LYS B 489 -3.12 14.04 16.33
C LYS B 489 -3.37 15.43 15.74
N PHE B 490 -2.81 16.48 16.38
CA PHE B 490 -3.06 17.89 16.05
C PHE B 490 -3.04 18.19 14.55
N HIS B 491 -1.99 17.75 13.84
CA HIS B 491 -1.76 18.15 12.48
C HIS B 491 -2.84 17.72 11.48
N VAL B 492 -3.63 16.69 11.84
CA VAL B 492 -4.64 16.16 10.94
C VAL B 492 -5.84 17.11 10.90
N PRO B 493 -6.56 17.38 12.01
CA PRO B 493 -7.61 18.41 12.02
C PRO B 493 -7.10 19.81 11.65
N ASN B 494 -5.85 20.15 11.96
CA ASN B 494 -5.33 21.46 11.62
C ASN B 494 -4.71 21.49 10.23
N VAL B 495 -4.84 20.41 9.45
CA VAL B 495 -4.42 20.40 8.08
C VAL B 495 -3.01 20.97 7.89
N THR B 496 -2.05 20.47 8.65
CA THR B 496 -0.68 20.92 8.51
C THR B 496 0.09 19.70 8.05
N PRO B 497 0.85 19.73 6.94
CA PRO B 497 1.60 18.57 6.50
C PRO B 497 2.62 18.13 7.55
N TYR B 498 3.10 16.88 7.41
CA TYR B 498 3.93 16.24 8.41
C TYR B 498 5.27 15.81 7.85
N ILE B 499 5.39 15.56 6.52
CA ILE B 499 6.60 14.95 5.98
C ILE B 499 7.82 15.87 6.20
N ARG B 500 7.59 17.17 6.36
CA ARG B 500 8.60 18.15 6.69
C ARG B 500 9.37 17.74 7.96
N TYR B 501 8.71 17.01 8.90
CA TYR B 501 9.39 16.65 10.11
C TYR B 501 10.36 15.52 9.87
N PHE B 502 9.97 14.54 9.08
CA PHE B 502 10.93 13.51 8.70
C PHE B 502 12.13 14.10 7.93
N VAL B 503 11.85 15.01 7.01
CA VAL B 503 12.90 15.67 6.24
C VAL B 503 13.82 16.46 7.17
N SER B 504 13.18 17.18 8.09
CA SER B 504 13.87 17.92 9.12
C SER B 504 14.80 17.05 9.94
N PHE B 505 14.36 15.85 10.31
CA PHE B 505 15.10 15.03 11.28
C PHE B 505 16.35 14.48 10.60
N VAL B 506 16.35 14.38 9.27
CA VAL B 506 17.57 14.04 8.57
C VAL B 506 18.43 15.29 8.30
N LEU B 507 17.81 16.34 7.76
CA LEU B 507 18.46 17.59 7.43
C LEU B 507 19.21 18.18 8.64
N GLN B 508 18.59 18.18 9.81
CA GLN B 508 19.21 18.80 10.98
C GLN B 508 20.60 18.22 11.26
N PHE B 509 20.81 16.92 11.01
CA PHE B 509 22.10 16.31 11.26
C PHE B 509 23.09 16.75 10.20
N GLN B 510 22.60 17.00 8.97
CA GLN B 510 23.46 17.47 7.91
C GLN B 510 23.91 18.87 8.30
N PHE B 511 22.94 19.67 8.76
CA PHE B 511 23.28 21.04 9.12
C PHE B 511 24.29 21.06 10.27
N HIS B 512 24.04 20.25 11.26
CA HIS B 512 24.85 20.20 12.44
C HIS B 512 26.30 19.91 12.06
N GLU B 513 26.49 18.89 11.22
CA GLU B 513 27.84 18.58 10.77
C GLU B 513 28.46 19.75 10.03
N ALA B 514 27.70 20.39 9.14
CA ALA B 514 28.26 21.54 8.43
C ALA B 514 28.65 22.64 9.41
N LEU B 515 27.75 22.91 10.39
CA LEU B 515 27.99 24.03 11.27
C LEU B 515 29.18 23.76 12.18
N CYS B 516 29.31 22.52 12.64
CA CYS B 516 30.41 22.09 13.48
C CYS B 516 31.76 22.20 12.77
N LYS B 517 31.82 21.80 11.49
CA LYS B 517 33.04 21.93 10.72
C LYS B 517 33.39 23.42 10.56
N GLU B 518 32.39 24.25 10.30
CA GLU B 518 32.62 25.65 10.09
C GLU B 518 33.05 26.33 11.37
N ALA B 519 32.60 25.83 12.52
CA ALA B 519 33.01 26.35 13.81
C ALA B 519 34.46 26.01 14.12
N GLY B 520 35.03 25.08 13.37
CA GLY B 520 36.39 24.63 13.59
C GLY B 520 36.45 23.55 14.66
N TYR B 521 35.32 22.95 15.04
CA TYR B 521 35.31 21.90 16.04
C TYR B 521 35.91 20.62 15.45
N GLU B 522 36.57 19.79 16.27
CA GLU B 522 37.26 18.63 15.71
C GLU B 522 36.99 17.35 16.51
N GLY B 523 36.29 17.40 17.64
CA GLY B 523 35.95 16.20 18.40
C GLY B 523 34.82 15.43 17.74
N PRO B 524 34.22 14.43 18.42
CA PRO B 524 33.05 13.74 17.92
C PRO B 524 31.90 14.68 17.55
N LEU B 525 31.17 14.30 16.50
CA LEU B 525 30.01 15.05 16.05
C LEU B 525 29.02 15.32 17.21
N HIS B 526 28.79 14.32 18.05
CA HIS B 526 27.72 14.38 19.04
C HIS B 526 28.12 15.16 20.29
N GLN B 527 29.37 15.66 20.35
CA GLN B 527 29.81 16.44 21.48
C GLN B 527 30.03 17.89 21.01
N CYS B 528 29.75 18.18 19.74
CA CYS B 528 29.94 19.54 19.29
C CYS B 528 28.89 20.49 19.89
N ASP B 529 29.34 21.72 20.11
CA ASP B 529 28.48 22.81 20.55
C ASP B 529 28.91 24.03 19.73
N ILE B 530 28.02 24.56 18.91
CA ILE B 530 28.35 25.68 18.04
C ILE B 530 28.12 27.04 18.73
N TYR B 531 27.68 27.01 20.00
CA TYR B 531 27.57 28.21 20.84
C TYR B 531 28.75 29.14 20.61
N ARG B 532 28.40 30.41 20.37
CA ARG B 532 29.35 31.51 20.24
C ARG B 532 30.20 31.45 18.96
N SER B 533 29.91 30.54 18.02
CA SER B 533 30.66 30.55 16.76
C SER B 533 30.01 31.49 15.77
N THR B 534 30.63 32.64 15.54
CA THR B 534 30.18 33.65 14.59
C THR B 534 30.29 33.14 13.14
N LYS B 535 31.27 32.29 12.83
CA LYS B 535 31.39 31.66 11.51
C LYS B 535 30.21 30.70 11.23
N ALA B 536 29.92 29.78 12.16
CA ALA B 536 28.73 28.95 12.03
C ALA B 536 27.47 29.79 11.84
N GLY B 537 27.35 30.81 12.68
CA GLY B 537 26.27 31.78 12.60
C GLY B 537 26.13 32.42 11.24
N ALA B 538 27.25 32.84 10.64
CA ALA B 538 27.26 33.50 9.34
C ALA B 538 26.73 32.54 8.28
N LYS B 539 27.20 31.29 8.34
CA LYS B 539 26.76 30.30 7.38
C LYS B 539 25.26 30.03 7.50
N LEU B 540 24.72 29.90 8.73
CA LEU B 540 23.29 29.69 8.88
C LEU B 540 22.51 30.92 8.45
N ARG B 541 23.07 32.11 8.69
CA ARG B 541 22.41 33.33 8.28
C ARG B 541 22.17 33.35 6.76
N LYS B 542 23.13 32.86 5.97
CA LYS B 542 23.00 32.87 4.51
C LYS B 542 21.80 32.00 4.08
N VAL B 543 21.66 30.81 4.70
CA VAL B 543 20.48 29.98 4.44
C VAL B 543 19.21 30.76 4.75
N LEU B 544 19.15 31.38 5.92
CA LEU B 544 17.89 31.90 6.43
C LEU B 544 17.45 33.09 5.59
N ARG B 545 18.42 33.92 5.17
CA ARG B 545 18.16 35.08 4.32
C ARG B 545 17.62 34.69 2.93
N ALA B 546 18.07 33.53 2.38
CA ALA B 546 17.74 33.10 1.03
C ALA B 546 16.25 32.79 0.85
N GLY B 547 15.51 32.56 1.96
CA GLY B 547 14.12 32.12 1.89
C GLY B 547 13.99 30.99 0.87
N SER B 548 12.88 31.01 0.13
CA SER B 548 12.67 30.16 -1.04
C SER B 548 12.97 30.92 -2.33
N SER B 549 14.01 31.77 -2.34
CA SER B 549 14.38 32.47 -3.56
C SER B 549 15.16 31.54 -4.49
N ARG B 550 15.78 30.50 -3.93
CA ARG B 550 16.55 29.53 -4.69
C ARG B 550 16.15 28.08 -4.42
N PRO B 551 16.39 27.20 -5.42
CA PRO B 551 16.17 25.77 -5.24
C PRO B 551 16.86 25.27 -3.98
N TRP B 552 16.09 24.55 -3.15
CA TRP B 552 16.62 24.08 -1.88
C TRP B 552 17.85 23.22 -2.12
N GLN B 553 17.92 22.53 -3.27
CA GLN B 553 19.08 21.71 -3.62
C GLN B 553 20.37 22.53 -3.68
N GLU B 554 20.26 23.75 -4.23
CA GLU B 554 21.41 24.64 -4.38
C GLU B 554 21.78 25.30 -3.04
N VAL B 555 20.76 25.68 -2.26
CA VAL B 555 20.96 26.26 -0.95
C VAL B 555 21.70 25.27 -0.07
N LEU B 556 21.30 23.98 -0.14
CA LEU B 556 21.83 22.91 0.67
C LEU B 556 23.26 22.69 0.29
N LYS B 557 23.53 22.61 -1.02
CA LYS B 557 24.89 22.42 -1.53
C LYS B 557 25.83 23.53 -1.05
N ASP B 558 25.40 24.79 -1.10
CA ASP B 558 26.24 25.87 -0.58
C ASP B 558 26.49 25.65 0.90
N MET B 559 25.48 25.17 1.65
CA MET B 559 25.67 25.07 3.08
C MET B 559 26.50 23.84 3.44
N VAL B 560 26.20 22.68 2.87
CA VAL B 560 26.78 21.49 3.44
C VAL B 560 27.67 20.75 2.45
N GLY B 561 27.67 21.08 1.15
CA GLY B 561 28.58 20.35 0.23
C GLY B 561 27.90 19.34 -0.71
N LEU B 562 26.73 18.81 -0.33
CA LEU B 562 25.94 17.86 -1.09
C LEU B 562 24.67 18.57 -1.57
N ASP B 563 24.00 18.05 -2.59
CA ASP B 563 22.80 18.74 -3.09
C ASP B 563 21.56 17.87 -2.80
N ALA B 564 21.68 16.89 -1.90
CA ALA B 564 20.54 16.05 -1.57
C ALA B 564 20.51 15.73 -0.07
N LEU B 565 19.32 15.36 0.41
CA LEU B 565 19.17 14.73 1.72
C LEU B 565 20.05 13.50 1.83
N ASP B 566 20.65 13.30 3.00
CA ASP B 566 21.63 12.27 3.20
C ASP B 566 21.58 11.90 4.69
N ALA B 567 21.44 10.59 4.95
CA ALA B 567 21.36 10.05 6.30
C ALA B 567 22.74 9.89 6.95
N GLN B 568 23.81 10.10 6.21
CA GLN B 568 25.12 9.77 6.70
C GLN B 568 25.44 10.60 7.94
N PRO B 569 25.20 11.91 7.97
CA PRO B 569 25.46 12.69 9.19
C PRO B 569 24.72 12.16 10.42
N LEU B 570 23.43 11.81 10.25
CA LEU B 570 22.70 11.19 11.34
C LEU B 570 23.37 9.90 11.80
N LEU B 571 23.74 9.07 10.84
CA LEU B 571 24.31 7.79 11.20
C LEU B 571 25.60 7.95 12.00
N LYS B 572 26.42 8.88 11.53
CA LYS B 572 27.67 9.21 12.19
C LYS B 572 27.47 9.78 13.60
N TYR B 573 26.50 10.68 13.79
CA TYR B 573 26.20 11.19 15.13
C TYR B 573 25.96 10.04 16.09
N PHE B 574 25.14 9.06 15.62
CA PHE B 574 24.62 8.03 16.51
C PHE B 574 25.50 6.76 16.53
N GLN B 575 26.53 6.67 15.68
CA GLN B 575 27.33 5.46 15.47
C GLN B 575 27.58 4.61 16.73
N LEU B 576 28.07 5.24 17.79
CA LEU B 576 28.42 4.55 19.02
C LEU B 576 27.23 3.84 19.63
N VAL B 577 26.04 4.50 19.68
CA VAL B 577 24.92 3.89 20.37
C VAL B 577 24.30 2.84 19.43
N THR B 578 24.41 3.06 18.12
CA THR B 578 23.90 2.10 17.16
C THR B 578 24.65 0.77 17.37
N GLN B 579 25.98 0.85 17.47
CA GLN B 579 26.81 -0.30 17.73
C GLN B 579 26.45 -0.91 19.08
N TRP B 580 26.29 -0.08 20.10
CA TRP B 580 26.04 -0.62 21.43
C TRP B 580 24.70 -1.34 21.50
N LEU B 581 23.66 -0.75 20.88
CA LEU B 581 22.34 -1.32 20.96
C LEU B 581 22.26 -2.68 20.27
N GLN B 582 22.97 -2.81 19.12
CA GLN B 582 23.10 -4.10 18.46
C GLN B 582 23.60 -5.19 19.41
N GLU B 583 24.73 -4.92 20.08
CA GLU B 583 25.30 -5.84 21.04
C GLU B 583 24.33 -6.10 22.19
N GLN B 584 23.73 -5.06 22.79
CA GLN B 584 22.85 -5.39 23.90
C GLN B 584 21.79 -6.42 23.45
N ASN B 585 21.23 -6.19 22.24
CA ASN B 585 20.07 -6.91 21.77
C ASN B 585 20.47 -8.38 21.54
N GLN B 586 21.62 -8.62 20.91
CA GLN B 586 22.14 -9.96 20.72
C GLN B 586 22.32 -10.70 22.03
N GLN B 587 23.01 -10.09 22.98
CA GLN B 587 23.20 -10.69 24.29
C GLN B 587 21.89 -11.04 24.98
N ASN B 588 20.86 -10.21 24.83
CA ASN B 588 19.57 -10.59 25.41
C ASN B 588 18.81 -11.57 24.52
N GLY B 589 19.34 -11.93 23.34
CA GLY B 589 18.62 -12.79 22.39
C GLY B 589 17.31 -12.18 21.87
N GLU B 590 17.29 -10.88 21.64
CA GLU B 590 16.04 -10.25 21.25
C GLU B 590 15.66 -10.66 19.83
N VAL B 591 14.35 -10.65 19.52
CA VAL B 591 13.94 -10.68 18.13
C VAL B 591 13.78 -9.23 17.68
N LEU B 592 14.43 -8.88 16.57
CA LEU B 592 14.28 -7.55 16.02
C LEU B 592 12.97 -7.53 15.22
N GLY B 593 12.18 -6.49 15.38
CA GLY B 593 10.89 -6.43 14.72
C GLY B 593 9.81 -7.09 15.58
N TRP B 594 8.65 -7.29 14.93
CA TRP B 594 7.46 -7.68 15.66
C TRP B 594 6.70 -8.70 14.84
N PRO B 595 7.24 -9.91 14.69
CA PRO B 595 6.62 -10.94 13.88
C PRO B 595 5.23 -11.37 14.34
N GLU B 596 4.93 -11.20 15.65
CA GLU B 596 3.59 -11.48 16.14
C GLU B 596 2.75 -10.21 15.95
N TYR B 597 2.42 -9.93 14.67
CA TYR B 597 1.90 -8.67 14.23
C TYR B 597 0.45 -8.47 14.67
N GLN B 598 -0.26 -9.57 14.87
CA GLN B 598 -1.65 -9.54 15.32
C GLN B 598 -1.79 -9.29 16.83
N TRP B 599 -0.70 -9.31 17.59
CA TRP B 599 -0.83 -9.29 19.03
C TRP B 599 -1.33 -7.95 19.55
N HIS B 600 -2.30 -8.02 20.45
CA HIS B 600 -2.73 -6.87 21.26
C HIS B 600 -2.79 -7.27 22.73
N PRO B 601 -2.49 -6.35 23.66
CA PRO B 601 -2.50 -6.69 25.07
C PRO B 601 -3.91 -6.89 25.59
N PRO B 602 -4.09 -7.61 26.71
CA PRO B 602 -5.41 -7.69 27.33
C PRO B 602 -5.76 -6.40 28.07
N LEU B 603 -7.02 -6.23 28.48
CA LEU B 603 -7.44 -5.16 29.38
C LEU B 603 -6.97 -5.46 30.78
N PRO B 604 -6.56 -4.46 31.58
CA PRO B 604 -6.32 -4.70 33.00
C PRO B 604 -7.61 -5.08 33.74
N ASP B 605 -7.48 -5.63 34.94
CA ASP B 605 -8.56 -6.43 35.52
C ASP B 605 -9.89 -5.69 35.65
N ASN B 606 -9.96 -4.47 36.19
CA ASN B 606 -11.30 -3.96 36.53
C ASN B 606 -11.55 -2.64 35.81
N TYR B 607 -11.49 -2.70 34.48
CA TYR B 607 -11.24 -1.49 33.73
C TYR B 607 -12.51 -1.03 33.01
N PRO B 608 -12.90 0.25 33.11
CA PRO B 608 -12.27 1.19 34.04
C PRO B 608 -12.81 1.10 35.47
#